data_9NTB
#
_entry.id   9NTB
#
_cell.length_a   92.230
_cell.length_b   97.310
_cell.length_c   139.010
_cell.angle_alpha   90.000
_cell.angle_beta   90.000
_cell.angle_gamma   90.000
#
_symmetry.space_group_name_H-M   'P 21 21 21'
#
loop_
_entity.id
_entity.type
_entity.pdbx_description
1 polymer 'Histone deacetylase 2'
2 non-polymer "(R)-N-(4-amino-4'-fluoro-[1,1'-biphenyl]-3-yl)-4-(S-methylsulfonimidoyl)benzamide"
3 non-polymer 'ZINC ION'
4 non-polymer 'CALCIUM ION'
5 non-polymer '2-[N-CYCLOHEXYLAMINO]ETHANE SULFONIC ACID'
6 non-polymer 1,2-ETHANEDIOL
7 non-polymer DI(HYDROXYETHYL)ETHER
8 non-polymer 'TRIETHYLENE GLYCOL'
9 non-polymer 'TETRAETHYLENE GLYCOL'
10 water water
#
_entity_poly.entity_id   1
_entity_poly.type   'polypeptide(L)'
_entity_poly.pdbx_seq_one_letter_code
;MAYSQGGGKKKVCYYYDGDIGNYYYGQGHPMKPHRIRMTHNLLLNYGLYRKMEIYRPHKATAEEMTKYHSDEYIKFLRSI
RPDNMSEYSKQMQRFNVGEDCPVFDGLFEFCQLSTGGSVAGAVKLNRQQTDMAVNWAGGLHHAKKSEASGFCYVNDIVLA
ILELLKYHQRVLYIDIDIHHGDGVEEAFYTTDRVMTVSFHKYGEYFPGTGDLRDIGAGKGKYYAVNFPMRDGIDDESYGQ
IFKPIISKVMEMYQPSAVVLQCGADSLSGDRLGCFNLTVKGHAKCVEVVKTFNLPLLMLGGGGYTIRNVARCWTYETAVA
LDCEIPNELPYNDYFEYFGPDFKLHISPSNMTNQNTPEYMEKIKQRLFENLRMLPHAPGVQMQAIPEDAVHEDSGDEDGE
DPDK
;
_entity_poly.pdbx_strand_id   A,B,C
#
loop_
_chem_comp.id
_chem_comp.type
_chem_comp.name
_chem_comp.formula
A1B1V non-polymer (R)-N-(4-amino-4'-fluoro-[1,1'-biphenyl]-3-yl)-4-(S-methylsulfonimidoyl)benzamide 'C20 H18 F N3 O2 S'
CA non-polymer 'CALCIUM ION' 'Ca 2'
EDO non-polymer 1,2-ETHANEDIOL 'C2 H6 O2'
NHE non-polymer '2-[N-CYCLOHEXYLAMINO]ETHANE SULFONIC ACID' 'C8 H17 N O3 S'
PEG non-polymer DI(HYDROXYETHYL)ETHER 'C4 H10 O3'
PG4 non-polymer 'TETRAETHYLENE GLYCOL' 'C8 H18 O5'
PGE non-polymer 'TRIETHYLENE GLYCOL' 'C6 H14 O4'
ZN non-polymer 'ZINC ION' 'Zn 2'
#
# COMPACT_ATOMS: atom_id res chain seq x y z
N GLY A 7 34.16 12.32 6.14
CA GLY A 7 33.58 13.58 6.58
C GLY A 7 34.31 14.79 6.01
N GLY A 8 34.32 15.88 6.77
CA GLY A 8 35.01 17.08 6.35
C GLY A 8 34.15 17.98 5.48
N LYS A 9 34.50 19.26 5.49
CA LYS A 9 33.86 20.23 4.61
C LYS A 9 34.37 20.07 3.19
N LYS A 10 33.54 20.46 2.22
CA LYS A 10 33.83 20.19 0.82
C LYS A 10 34.18 21.47 0.07
N LYS A 11 35.06 21.33 -0.93
CA LYS A 11 35.31 22.43 -1.86
C LYS A 11 34.14 22.53 -2.83
N VAL A 12 33.60 23.73 -2.98
CA VAL A 12 32.41 23.97 -3.80
C VAL A 12 32.76 24.98 -4.88
N CYS A 13 32.46 24.64 -6.13
CA CYS A 13 32.57 25.56 -7.26
C CYS A 13 31.16 25.85 -7.76
N TYR A 14 30.85 27.13 -7.93
CA TYR A 14 29.50 27.61 -8.18
C TYR A 14 29.51 28.40 -9.49
N TYR A 15 28.53 28.12 -10.37
CA TYR A 15 28.49 28.68 -11.71
C TYR A 15 27.32 29.64 -11.85
N TYR A 16 27.58 30.83 -12.37
CA TYR A 16 26.54 31.83 -12.50
C TYR A 16 26.94 32.83 -13.58
N ASP A 17 26.00 33.14 -14.46
CA ASP A 17 26.17 34.25 -15.41
C ASP A 17 25.10 35.29 -15.14
N GLY A 18 25.53 36.50 -14.80
CA GLY A 18 24.64 37.61 -14.49
C GLY A 18 23.69 38.02 -15.60
N ASP A 19 23.94 37.58 -16.83
CA ASP A 19 23.01 37.86 -17.93
C ASP A 19 21.74 37.01 -17.85
N ILE A 20 21.75 35.93 -17.07
CA ILE A 20 20.66 34.95 -17.10
C ILE A 20 19.33 35.60 -16.73
N GLY A 21 19.35 36.53 -15.78
CA GLY A 21 18.11 37.11 -15.30
C GLY A 21 17.39 38.00 -16.30
N ASN A 22 18.00 38.30 -17.45
CA ASN A 22 17.39 39.19 -18.43
C ASN A 22 16.64 38.45 -19.53
N TYR A 23 16.65 37.12 -19.53
CA TYR A 23 15.88 36.38 -20.52
C TYR A 23 14.43 36.28 -20.06
N TYR A 24 13.50 36.45 -21.00
CA TYR A 24 12.09 36.61 -20.64
C TYR A 24 11.24 35.69 -21.50
N TYR A 25 10.54 34.75 -20.85
CA TYR A 25 9.70 33.80 -21.56
C TYR A 25 8.43 34.45 -22.13
N GLY A 26 8.06 35.63 -21.66
CA GLY A 26 6.87 36.27 -22.18
C GLY A 26 5.83 36.54 -21.10
N GLN A 27 4.91 37.45 -21.39
CA GLN A 27 3.94 37.86 -20.38
C GLN A 27 3.12 36.68 -19.89
N GLY A 28 3.02 36.54 -18.58
CA GLY A 28 2.24 35.48 -17.96
C GLY A 28 2.89 34.10 -17.93
N HIS A 29 4.06 33.90 -18.55
CA HIS A 29 4.70 32.59 -18.48
C HIS A 29 5.30 32.39 -17.10
N PRO A 30 5.06 31.25 -16.45
CA PRO A 30 5.51 31.09 -15.05
C PRO A 30 7.01 30.93 -14.87
N MET A 31 7.77 30.57 -15.91
CA MET A 31 9.22 30.43 -15.77
C MET A 31 9.88 31.82 -15.84
N LYS A 32 10.56 32.19 -14.76
CA LYS A 32 11.16 33.51 -14.58
C LYS A 32 12.65 33.34 -14.36
N PRO A 33 13.49 33.44 -15.41
CA PRO A 33 14.94 33.26 -15.22
C PRO A 33 15.53 34.23 -14.21
N HIS A 34 14.83 35.32 -13.92
CA HIS A 34 15.21 36.28 -12.89
C HIS A 34 15.40 35.63 -11.51
N ARG A 35 14.70 34.53 -11.24
CA ARG A 35 14.84 33.84 -9.95
C ARG A 35 16.28 33.39 -9.71
N ILE A 36 17.04 33.15 -10.79
CA ILE A 36 18.44 32.74 -10.63
C ILE A 36 19.26 33.92 -10.13
N ARG A 37 18.94 35.13 -10.62
CA ARG A 37 19.61 36.34 -10.15
C ARG A 37 19.21 36.67 -8.71
N MET A 38 17.93 36.46 -8.37
CA MET A 38 17.50 36.61 -6.98
C MET A 38 18.25 35.64 -6.07
N THR A 39 18.37 34.38 -6.48
CA THR A 39 19.12 33.40 -5.70
C THR A 39 20.55 33.87 -5.47
N HIS A 40 21.22 34.26 -6.55
CA HIS A 40 22.61 34.72 -6.46
C HIS A 40 22.72 35.92 -5.53
N ASN A 41 21.87 36.92 -5.70
CA ASN A 41 21.98 38.14 -4.90
C ASN A 41 21.77 37.85 -3.43
N LEU A 42 20.85 36.94 -3.10
CA LEU A 42 20.61 36.61 -1.70
C LEU A 42 21.82 35.92 -1.09
N LEU A 43 22.38 34.94 -1.79
CA LEU A 43 23.48 34.21 -1.17
C LEU A 43 24.76 35.05 -1.15
N LEU A 44 24.93 35.98 -2.09
CA LEU A 44 26.02 36.95 -1.95
C LEU A 44 25.85 37.78 -0.70
N ASN A 45 24.62 38.21 -0.43
CA ASN A 45 24.40 39.08 0.73
C ASN A 45 24.47 38.32 2.04
N TYR A 46 24.35 36.99 2.03
CA TYR A 46 24.71 36.18 3.18
C TYR A 46 26.21 35.99 3.31
N GLY A 47 26.99 36.42 2.31
CA GLY A 47 28.43 36.28 2.35
C GLY A 47 28.95 34.92 1.96
N LEU A 48 28.15 34.10 1.25
CA LEU A 48 28.60 32.75 0.93
C LEU A 48 29.70 32.75 -0.12
N TYR A 49 29.87 33.85 -0.86
CA TYR A 49 30.97 33.96 -1.80
C TYR A 49 32.33 33.86 -1.12
N ARG A 50 32.39 34.09 0.20
CA ARG A 50 33.65 33.98 0.90
C ARG A 50 34.12 32.53 1.02
N LYS A 51 33.20 31.57 0.89
CA LYS A 51 33.46 30.17 1.16
C LYS A 51 33.56 29.30 -0.09
N MET A 52 33.35 29.85 -1.28
CA MET A 52 33.33 29.00 -2.47
C MET A 52 33.86 29.79 -3.65
N GLU A 53 34.27 29.06 -4.69
CA GLU A 53 34.77 29.70 -5.90
C GLU A 53 33.60 29.94 -6.85
N ILE A 54 33.51 31.16 -7.37
CA ILE A 54 32.41 31.54 -8.26
C ILE A 54 32.97 31.68 -9.66
N TYR A 55 32.38 30.95 -10.60
CA TYR A 55 32.82 30.89 -11.98
C TYR A 55 31.70 31.34 -12.89
N ARG A 56 32.07 32.01 -13.98
CA ARG A 56 31.10 32.30 -15.02
C ARG A 56 31.22 31.23 -16.09
N PRO A 57 30.17 30.47 -16.37
CA PRO A 57 30.28 29.40 -17.36
C PRO A 57 30.48 29.96 -18.76
N HIS A 58 31.11 29.15 -19.61
CA HIS A 58 31.15 29.46 -21.04
C HIS A 58 29.76 29.20 -21.65
N LYS A 59 29.55 29.74 -22.84
CA LYS A 59 28.35 29.42 -23.61
C LYS A 59 28.57 28.10 -24.35
N ALA A 60 27.87 27.04 -23.94
CA ALA A 60 28.04 25.75 -24.59
C ALA A 60 27.76 25.85 -26.08
N THR A 61 28.58 25.16 -26.88
CA THR A 61 28.49 25.26 -28.34
C THR A 61 27.49 24.23 -28.89
N ALA A 62 27.09 24.43 -30.16
CA ALA A 62 26.25 23.42 -30.80
C ALA A 62 26.94 22.06 -30.86
N GLU A 63 28.27 22.03 -30.99
CA GLU A 63 29.02 20.77 -30.90
C GLU A 63 28.79 20.09 -29.57
N GLU A 64 28.83 20.85 -28.49
CA GLU A 64 28.62 20.28 -27.16
C GLU A 64 27.20 19.74 -27.02
N MET A 65 26.21 20.47 -27.56
CA MET A 65 24.82 20.07 -27.36
C MET A 65 24.47 18.82 -28.17
N THR A 66 25.09 18.63 -29.34
CA THR A 66 24.79 17.46 -30.14
C THR A 66 25.52 16.22 -29.67
N LYS A 67 26.20 16.28 -28.53
CA LYS A 67 26.60 15.05 -27.87
C LYS A 67 25.38 14.24 -27.48
N TYR A 68 24.22 14.89 -27.37
CA TYR A 68 22.95 14.20 -27.09
C TYR A 68 21.88 14.58 -28.10
N HIS A 69 21.63 15.87 -28.27
CA HIS A 69 20.53 16.29 -29.12
C HIS A 69 20.87 16.10 -30.60
N SER A 70 19.83 15.98 -31.42
CA SER A 70 20.04 15.79 -32.85
C SER A 70 20.52 17.08 -33.52
N ASP A 71 21.27 16.92 -34.60
CA ASP A 71 21.77 18.10 -35.32
C ASP A 71 20.62 18.99 -35.79
N GLU A 72 19.52 18.38 -36.26
CA GLU A 72 18.43 19.16 -36.83
C GLU A 72 17.70 19.97 -35.76
N TYR A 73 17.56 19.41 -34.56
CA TYR A 73 16.93 20.15 -33.46
C TYR A 73 17.80 21.31 -33.00
N ILE A 74 19.10 21.08 -32.82
CA ILE A 74 19.97 22.17 -32.40
C ILE A 74 20.06 23.24 -33.48
N LYS A 75 20.10 22.83 -34.75
CA LYS A 75 20.12 23.80 -35.85
C LYS A 75 18.87 24.67 -35.84
N PHE A 76 17.71 24.07 -35.53
CA PHE A 76 16.48 24.84 -35.38
C PHE A 76 16.58 25.83 -34.22
N LEU A 77 17.01 25.36 -33.05
CA LEU A 77 17.12 26.25 -31.90
C LEU A 77 18.06 27.42 -32.19
N ARG A 78 19.16 27.16 -32.91
CA ARG A 78 20.09 28.22 -33.31
C ARG A 78 19.44 29.26 -34.21
N SER A 79 18.42 28.88 -34.97
CA SER A 79 17.89 29.70 -36.06
C SER A 79 16.61 30.44 -35.72
N ILE A 80 15.75 29.85 -34.89
CA ILE A 80 14.40 30.37 -34.68
C ILE A 80 14.45 31.63 -33.84
N ARG A 81 13.68 32.63 -34.25
CA ARG A 81 13.61 33.92 -33.57
C ARG A 81 12.19 34.43 -33.63
N PRO A 82 11.81 35.36 -32.75
CA PRO A 82 10.46 35.93 -32.85
C PRO A 82 10.18 36.56 -34.21
N ASP A 83 11.20 37.09 -34.89
CA ASP A 83 11.00 37.80 -36.14
C ASP A 83 10.84 36.86 -37.35
N ASN A 84 11.32 35.62 -37.27
CA ASN A 84 11.15 34.69 -38.37
C ASN A 84 10.22 33.53 -38.02
N MET A 85 9.44 33.67 -36.94
CA MET A 85 8.58 32.59 -36.46
C MET A 85 7.60 32.13 -37.53
N SER A 86 6.97 33.09 -38.22
CA SER A 86 5.90 32.77 -39.15
C SER A 86 6.35 31.82 -40.24
N GLU A 87 7.63 31.87 -40.62
CA GLU A 87 8.16 31.00 -41.65
C GLU A 87 8.47 29.60 -41.17
N TYR A 88 8.57 29.39 -39.86
CA TYR A 88 9.00 28.12 -39.29
C TYR A 88 7.85 27.35 -38.63
N SER A 89 6.60 27.68 -38.97
CA SER A 89 5.46 27.15 -38.22
C SER A 89 5.41 25.63 -38.24
N LYS A 90 5.87 25.02 -39.33
CA LYS A 90 5.92 23.56 -39.40
C LYS A 90 7.01 23.00 -38.49
N GLN A 91 8.19 23.62 -38.51
CA GLN A 91 9.30 23.13 -37.70
CA GLN A 91 9.32 23.15 -37.71
C GLN A 91 9.07 23.35 -36.21
N MET A 92 8.39 24.46 -35.85
CA MET A 92 8.07 24.68 -34.45
C MET A 92 7.24 23.53 -33.88
N GLN A 93 6.20 23.10 -34.61
CA GLN A 93 5.39 21.99 -34.15
C GLN A 93 6.20 20.71 -34.06
N ARG A 94 7.06 20.47 -35.03
CA ARG A 94 7.89 19.27 -35.02
C ARG A 94 8.75 19.18 -33.75
N PHE A 95 9.24 20.32 -33.26
CA PHE A 95 10.15 20.33 -32.12
C PHE A 95 9.47 20.77 -30.83
N ASN A 96 8.15 20.90 -30.84
CA ASN A 96 7.34 21.25 -29.67
C ASN A 96 7.74 22.61 -29.12
N VAL A 97 8.00 23.55 -30.02
CA VAL A 97 8.29 24.93 -29.63
C VAL A 97 7.12 25.80 -30.04
N GLY A 98 6.75 26.75 -29.18
CA GLY A 98 5.74 27.71 -29.58
C GLY A 98 4.73 28.14 -28.53
N GLU A 99 4.41 27.26 -27.57
CA GLU A 99 3.44 27.61 -26.55
C GLU A 99 4.06 27.52 -25.15
N ASP A 100 4.05 26.33 -24.54
CA ASP A 100 4.70 26.18 -23.23
C ASP A 100 6.20 26.41 -23.31
N CYS A 101 6.79 26.13 -24.48
CA CYS A 101 8.22 26.33 -24.74
C CYS A 101 8.33 27.39 -25.83
N PRO A 102 8.11 28.65 -25.49
CA PRO A 102 7.97 29.68 -26.52
C PRO A 102 9.29 30.08 -27.16
N VAL A 103 9.17 30.77 -28.28
CA VAL A 103 10.29 31.46 -28.89
C VAL A 103 10.39 32.84 -28.25
N PHE A 104 11.57 33.17 -27.70
CA PHE A 104 11.80 34.49 -27.16
C PHE A 104 13.18 34.97 -27.60
N ASP A 105 13.39 36.28 -27.46
CA ASP A 105 14.68 36.89 -27.79
C ASP A 105 15.79 36.25 -26.98
N GLY A 106 16.84 35.79 -27.67
CA GLY A 106 17.99 35.21 -27.01
C GLY A 106 17.83 33.78 -26.56
N LEU A 107 16.81 33.08 -27.08
CA LEU A 107 16.52 31.71 -26.64
C LEU A 107 17.76 30.83 -26.71
N PHE A 108 18.49 30.85 -27.83
CA PHE A 108 19.63 29.93 -27.94
C PHE A 108 20.75 30.30 -26.97
N GLU A 109 21.00 31.60 -26.77
CA GLU A 109 22.01 32.02 -25.80
C GLU A 109 21.61 31.59 -24.39
N PHE A 110 20.32 31.68 -24.07
CA PHE A 110 19.82 31.19 -22.78
C PHE A 110 20.12 29.70 -22.62
N CYS A 111 19.87 28.89 -23.65
CA CYS A 111 20.23 27.47 -23.60
C CYS A 111 21.73 27.29 -23.42
N GLN A 112 22.54 28.10 -24.10
CA GLN A 112 23.98 27.95 -23.98
C GLN A 112 24.48 28.24 -22.57
N LEU A 113 23.82 29.16 -21.87
CA LEU A 113 24.24 29.53 -20.52
C LEU A 113 23.88 28.46 -19.50
N SER A 114 22.62 28.01 -19.52
CA SER A 114 22.23 26.97 -18.57
C SER A 114 23.04 25.71 -18.80
N THR A 115 23.27 25.35 -20.06
CA THR A 115 24.04 24.16 -20.37
C THR A 115 25.52 24.31 -19.98
N GLY A 116 26.10 25.49 -20.26
CA GLY A 116 27.53 25.68 -20.00
C GLY A 116 27.90 25.45 -18.55
N GLY A 117 27.05 25.91 -17.63
CA GLY A 117 27.33 25.71 -16.22
C GLY A 117 27.35 24.25 -15.79
N SER A 118 26.45 23.44 -16.35
CA SER A 118 26.40 22.03 -15.96
C SER A 118 27.58 21.26 -16.54
N VAL A 119 27.90 21.50 -17.80
CA VAL A 119 29.02 20.78 -18.40
C VAL A 119 30.35 21.25 -17.80
N ALA A 120 30.49 22.56 -17.58
CA ALA A 120 31.69 23.07 -16.89
C ALA A 120 31.86 22.46 -15.50
N GLY A 121 30.77 22.34 -14.75
CA GLY A 121 30.86 21.71 -13.44
C GLY A 121 31.27 20.25 -13.53
N ALA A 122 30.76 19.52 -14.52
CA ALA A 122 31.13 18.12 -14.68
C ALA A 122 32.62 17.98 -15.01
N VAL A 123 33.13 18.84 -15.90
CA VAL A 123 34.56 18.83 -16.22
C VAL A 123 35.39 19.07 -14.97
N LYS A 124 34.98 20.05 -14.16
CA LYS A 124 35.69 20.36 -12.94
C LYS A 124 35.72 19.17 -11.99
N LEU A 125 34.59 18.47 -11.84
CA LEU A 125 34.55 17.26 -11.02
C LEU A 125 35.43 16.16 -11.62
N ASN A 126 35.37 15.98 -12.94
CA ASN A 126 36.18 14.96 -13.61
C ASN A 126 37.66 15.18 -13.35
N ARG A 127 38.10 16.44 -13.36
CA ARG A 127 39.50 16.77 -13.12
C ARG A 127 39.90 16.70 -11.65
N GLN A 128 38.96 16.35 -10.76
CA GLN A 128 39.21 16.27 -9.33
C GLN A 128 39.69 17.61 -8.78
N GLN A 129 39.16 18.71 -9.35
CA GLN A 129 39.48 20.04 -8.88
C GLN A 129 38.41 20.62 -7.96
N THR A 130 37.33 19.89 -7.71
CA THR A 130 36.33 20.33 -6.74
C THR A 130 35.63 19.09 -6.20
N ASP A 131 35.04 19.23 -5.02
CA ASP A 131 34.20 18.17 -4.45
C ASP A 131 32.77 18.28 -4.94
N MET A 132 32.28 19.50 -5.10
CA MET A 132 30.91 19.77 -5.51
C MET A 132 30.91 20.90 -6.52
N ALA A 133 30.05 20.80 -7.53
CA ALA A 133 29.84 21.89 -8.47
C ALA A 133 28.35 22.21 -8.47
N VAL A 134 28.02 23.49 -8.51
CA VAL A 134 26.64 23.95 -8.37
C VAL A 134 26.28 24.79 -9.58
N ASN A 135 25.18 24.44 -10.25
CA ASN A 135 24.64 25.24 -11.35
C ASN A 135 23.13 25.40 -11.16
N TRP A 136 22.71 26.44 -10.43
CA TRP A 136 21.28 26.57 -10.19
C TRP A 136 20.50 26.91 -11.46
N ALA A 137 21.15 27.42 -12.50
CA ALA A 137 20.46 27.71 -13.76
C ALA A 137 20.12 26.44 -14.53
N GLY A 138 20.64 25.29 -14.13
CA GLY A 138 20.46 24.05 -14.86
C GLY A 138 19.33 23.19 -14.31
N GLY A 139 19.39 21.90 -14.63
CA GLY A 139 18.38 20.96 -14.21
C GLY A 139 17.20 20.81 -15.14
N LEU A 140 17.40 21.01 -16.45
CA LEU A 140 16.30 21.05 -17.43
C LEU A 140 15.94 19.63 -17.86
N HIS A 141 15.32 18.90 -16.94
CA HIS A 141 15.24 17.44 -17.09
C HIS A 141 14.19 16.98 -18.09
N HIS A 142 13.33 17.86 -18.61
CA HIS A 142 12.30 17.43 -19.56
C HIS A 142 12.74 17.42 -21.02
N ALA A 143 13.79 18.15 -21.39
CA ALA A 143 14.15 18.26 -22.80
C ALA A 143 14.56 16.90 -23.36
N LYS A 144 14.13 16.61 -24.58
CA LYS A 144 14.35 15.33 -25.24
C LYS A 144 15.37 15.48 -26.36
N LYS A 145 15.77 14.35 -26.95
CA LYS A 145 16.79 14.38 -27.98
C LYS A 145 16.43 15.33 -29.12
N SER A 146 15.17 15.35 -29.56
CA SER A 146 14.80 16.21 -30.68
C SER A 146 13.56 17.04 -30.38
N GLU A 147 13.37 17.44 -29.13
CA GLU A 147 12.09 18.07 -28.79
C GLU A 147 12.21 18.85 -27.51
N ALA A 148 11.68 20.07 -27.50
CA ALA A 148 11.53 20.81 -26.27
C ALA A 148 10.35 20.26 -25.48
N SER A 149 10.33 20.53 -24.18
CA SER A 149 9.20 20.06 -23.37
C SER A 149 9.23 20.72 -22.00
N GLY A 150 8.06 21.07 -21.49
CA GLY A 150 7.96 21.51 -20.10
C GLY A 150 8.84 22.70 -19.74
N PHE A 151 8.92 23.69 -20.64
CA PHE A 151 9.72 24.92 -20.51
C PHE A 151 11.20 24.67 -20.78
N CYS A 152 11.63 23.43 -21.03
CA CYS A 152 13.02 23.06 -21.24
C CYS A 152 13.31 22.88 -22.72
N TYR A 153 14.49 23.30 -23.17
CA TYR A 153 14.88 23.13 -24.56
C TYR A 153 16.09 22.23 -24.75
N VAL A 154 17.12 22.39 -23.91
CA VAL A 154 18.35 21.64 -24.02
C VAL A 154 18.59 20.96 -22.68
N ASN A 155 18.89 19.65 -22.72
CA ASN A 155 18.97 18.87 -21.48
C ASN A 155 20.39 18.92 -20.94
N ASP A 156 20.68 19.96 -20.15
CA ASP A 156 22.02 20.11 -19.57
C ASP A 156 22.40 18.89 -18.71
N ILE A 157 21.42 18.21 -18.13
CA ILE A 157 21.72 17.10 -17.22
C ILE A 157 22.29 15.93 -18.00
N VAL A 158 21.63 15.56 -19.09
CA VAL A 158 22.14 14.46 -19.91
C VAL A 158 23.54 14.78 -20.42
N LEU A 159 23.75 16.01 -20.88
CA LEU A 159 25.06 16.42 -21.38
C LEU A 159 26.10 16.36 -20.27
N ALA A 160 25.76 16.81 -19.06
CA ALA A 160 26.71 16.73 -17.95
C ALA A 160 27.00 15.29 -17.56
N ILE A 161 25.99 14.42 -17.60
CA ILE A 161 26.23 13.03 -17.25
C ILE A 161 27.10 12.36 -18.29
N LEU A 162 26.88 12.68 -19.57
CA LEU A 162 27.77 12.17 -20.61
C LEU A 162 29.21 12.59 -20.35
N GLU A 163 29.42 13.81 -19.86
CA GLU A 163 30.76 14.25 -19.50
C GLU A 163 31.31 13.45 -18.34
N LEU A 164 30.53 13.28 -17.27
CA LEU A 164 30.99 12.46 -16.15
C LEU A 164 31.32 11.04 -16.57
N LEU A 165 30.58 10.48 -17.53
CA LEU A 165 30.80 9.10 -17.93
C LEU A 165 32.15 8.90 -18.63
N LYS A 166 32.78 9.97 -19.10
CA LYS A 166 34.14 9.84 -19.61
C LYS A 166 35.10 9.31 -18.54
N TYR A 167 34.84 9.61 -17.27
CA TYR A 167 35.77 9.27 -16.20
C TYR A 167 35.16 8.40 -15.10
N HIS A 168 33.86 8.09 -15.17
CA HIS A 168 33.13 7.42 -14.10
C HIS A 168 32.34 6.27 -14.70
N GLN A 169 32.59 5.06 -14.20
CA GLN A 169 31.90 3.90 -14.77
C GLN A 169 30.40 3.97 -14.50
N ARG A 170 30.01 4.43 -13.31
CA ARG A 170 28.61 4.45 -12.87
C ARG A 170 28.29 5.82 -12.29
N VAL A 171 27.20 6.43 -12.77
CA VAL A 171 26.77 7.74 -12.29
C VAL A 171 25.35 7.62 -11.76
N LEU A 172 25.11 8.18 -10.59
CA LEU A 172 23.79 8.15 -9.95
C LEU A 172 23.11 9.50 -10.15
N TYR A 173 21.89 9.48 -10.68
CA TYR A 173 21.10 10.68 -10.87
C TYR A 173 19.91 10.66 -9.93
N ILE A 174 19.73 11.73 -9.14
CA ILE A 174 18.66 11.83 -8.16
C ILE A 174 17.88 13.12 -8.43
N ASP A 175 16.54 13.03 -8.38
CA ASP A 175 15.70 14.08 -8.92
C ASP A 175 14.56 14.35 -7.93
N ILE A 176 14.60 15.50 -7.25
CA ILE A 176 13.58 15.86 -6.26
C ILE A 176 12.68 17.00 -6.72
N ASP A 177 12.78 17.41 -7.98
CA ASP A 177 11.73 18.18 -8.65
C ASP A 177 10.38 17.49 -8.44
N ILE A 178 9.28 18.27 -8.35
CA ILE A 178 7.96 17.63 -8.23
C ILE A 178 7.60 16.82 -9.48
N HIS A 179 8.21 17.12 -10.62
CA HIS A 179 7.91 16.39 -11.85
C HIS A 179 8.88 15.24 -12.06
N HIS A 180 8.40 14.21 -12.77
CA HIS A 180 9.25 13.11 -13.20
C HIS A 180 10.36 13.59 -14.13
N GLY A 181 11.59 13.13 -13.88
CA GLY A 181 12.70 13.52 -14.74
C GLY A 181 12.73 12.66 -16.00
N ASP A 182 11.77 12.90 -16.89
CA ASP A 182 11.53 11.96 -17.98
C ASP A 182 12.62 12.04 -19.05
N GLY A 183 13.10 13.26 -19.36
CA GLY A 183 14.14 13.37 -20.37
C GLY A 183 15.42 12.66 -19.96
N VAL A 184 15.77 12.73 -18.67
CA VAL A 184 16.98 12.07 -18.19
C VAL A 184 16.79 10.56 -18.14
N GLU A 185 15.65 10.09 -17.61
CA GLU A 185 15.39 8.66 -17.57
C GLU A 185 15.40 8.07 -18.98
N GLU A 186 14.79 8.76 -19.92
CA GLU A 186 14.71 8.24 -21.29
C GLU A 186 16.10 8.12 -21.92
N ALA A 187 16.95 9.13 -21.74
CA ALA A 187 18.29 9.09 -22.33
C ALA A 187 19.08 7.87 -21.88
N PHE A 188 18.90 7.45 -20.61
CA PHE A 188 19.71 6.39 -20.02
C PHE A 188 18.89 5.14 -19.71
N TYR A 189 17.71 5.00 -20.32
CA TYR A 189 16.78 3.95 -19.92
C TYR A 189 17.36 2.57 -20.17
N THR A 190 18.22 2.41 -21.17
CA THR A 190 18.74 1.10 -21.55
C THR A 190 20.19 0.89 -21.18
N THR A 191 20.73 1.66 -20.24
CA THR A 191 22.09 1.41 -19.79
C THR A 191 22.14 1.29 -18.27
N ASP A 192 23.09 0.49 -17.80
CA ASP A 192 23.35 0.35 -16.37
C ASP A 192 24.44 1.30 -15.90
N ARG A 193 24.99 2.12 -16.78
CA ARG A 193 26.04 3.06 -16.40
C ARG A 193 25.49 4.35 -15.79
N VAL A 194 24.19 4.56 -15.88
CA VAL A 194 23.52 5.64 -15.16
C VAL A 194 22.29 5.04 -14.49
N MET A 195 22.17 5.22 -13.18
CA MET A 195 20.94 4.88 -12.48
C MET A 195 20.18 6.17 -12.19
N THR A 196 18.91 6.22 -12.61
CA THR A 196 18.08 7.41 -12.42
C THR A 196 17.07 7.13 -11.32
N VAL A 197 16.94 8.06 -10.38
CA VAL A 197 16.04 7.91 -9.24
C VAL A 197 15.21 9.18 -9.14
N SER A 198 13.92 9.09 -9.43
CA SER A 198 13.07 10.27 -9.41
C SER A 198 11.94 10.09 -8.40
N PHE A 199 11.75 11.11 -7.57
CA PHE A 199 10.59 11.23 -6.68
C PHE A 199 9.70 12.31 -7.28
N HIS A 200 8.42 12.01 -7.48
CA HIS A 200 7.58 12.97 -8.22
C HIS A 200 6.11 12.70 -7.94
N LYS A 201 5.32 13.75 -8.12
CA LYS A 201 3.87 13.59 -8.16
C LYS A 201 3.50 12.77 -9.40
N TYR A 202 2.59 11.80 -9.21
CA TYR A 202 2.23 10.93 -10.31
C TYR A 202 0.72 10.73 -10.31
N GLY A 203 0.12 10.79 -11.50
CA GLY A 203 -1.30 10.59 -11.66
C GLY A 203 -1.96 11.80 -12.29
N GLU A 204 -2.27 11.71 -13.59
CA GLU A 204 -2.82 12.84 -14.34
C GLU A 204 -2.02 14.12 -14.09
N TYR A 205 -0.71 14.01 -14.26
CA TYR A 205 0.21 15.09 -13.95
C TYR A 205 1.32 15.10 -14.97
N PHE A 206 1.78 16.30 -15.34
CA PHE A 206 2.88 16.41 -16.28
C PHE A 206 4.12 15.71 -15.71
N PRO A 207 4.89 14.97 -16.54
CA PRO A 207 4.71 14.72 -17.98
C PRO A 207 3.97 13.43 -18.28
N GLY A 208 3.47 12.72 -17.27
CA GLY A 208 2.67 11.52 -17.48
C GLY A 208 3.41 10.22 -17.27
N THR A 209 4.73 10.25 -17.08
CA THR A 209 5.57 9.09 -16.94
C THR A 209 6.03 8.94 -15.50
N GLY A 210 6.88 7.95 -15.24
CA GLY A 210 7.38 7.74 -13.90
C GLY A 210 6.54 6.84 -13.03
N ASP A 211 5.87 5.86 -13.63
CA ASP A 211 5.18 4.85 -12.86
C ASP A 211 6.20 4.02 -12.07
N LEU A 212 5.82 3.58 -10.88
CA LEU A 212 6.55 2.62 -10.06
C LEU A 212 7.10 1.48 -10.90
N ARG A 213 6.32 1.05 -11.89
CA ARG A 213 6.65 -0.14 -12.66
C ARG A 213 7.56 0.14 -13.85
N ASP A 214 7.93 1.40 -14.10
CA ASP A 214 8.95 1.70 -15.10
C ASP A 214 10.32 1.53 -14.45
N ILE A 215 11.04 0.47 -14.81
CA ILE A 215 12.27 0.09 -14.11
C ILE A 215 13.48 0.05 -15.03
N GLY A 216 13.34 0.48 -16.27
CA GLY A 216 14.42 0.37 -17.24
C GLY A 216 14.21 -0.82 -18.17
N ALA A 217 15.06 -0.89 -19.18
CA ALA A 217 14.95 -1.95 -20.18
C ALA A 217 16.33 -2.42 -20.60
N GLY A 218 16.39 -3.68 -21.02
CA GLY A 218 17.63 -4.25 -21.52
C GLY A 218 18.71 -4.24 -20.46
N LYS A 219 19.90 -3.75 -20.84
CA LYS A 219 20.97 -3.65 -19.86
C LYS A 219 20.60 -2.72 -18.71
N GLY A 220 19.71 -1.77 -18.96
CA GLY A 220 19.23 -0.85 -17.94
C GLY A 220 18.08 -1.34 -17.08
N LYS A 221 17.60 -2.56 -17.25
CA LYS A 221 16.52 -3.04 -16.40
C LYS A 221 16.98 -3.09 -14.95
N TYR A 222 16.19 -2.49 -14.06
CA TYR A 222 16.41 -2.24 -12.61
C TYR A 222 17.29 -1.02 -12.34
N TYR A 223 17.70 -0.26 -13.36
CA TYR A 223 18.50 0.94 -13.17
C TYR A 223 17.71 2.21 -13.40
N ALA A 224 16.39 2.12 -13.43
CA ALA A 224 15.51 3.28 -13.34
C ALA A 224 14.61 3.06 -12.14
N VAL A 225 14.54 4.06 -11.26
CA VAL A 225 13.79 3.96 -10.02
C VAL A 225 12.84 5.14 -9.96
N ASN A 226 11.55 4.86 -9.76
CA ASN A 226 10.52 5.89 -9.69
C ASN A 226 9.69 5.75 -8.43
N PHE A 227 9.55 6.84 -7.68
CA PHE A 227 8.74 6.87 -6.46
C PHE A 227 7.56 7.80 -6.71
N PRO A 228 6.40 7.27 -7.12
CA PRO A 228 5.23 8.12 -7.37
C PRO A 228 4.59 8.58 -6.06
N MET A 229 4.15 9.84 -6.05
CA MET A 229 3.63 10.48 -4.85
C MET A 229 2.32 11.19 -5.18
N ARG A 230 1.54 11.46 -4.13
CA ARG A 230 0.28 12.19 -4.25
C ARG A 230 0.44 13.63 -3.79
N ASP A 231 -0.63 14.41 -3.97
CA ASP A 231 -0.64 15.82 -3.53
C ASP A 231 -0.30 15.93 -2.06
N GLY A 232 0.38 17.03 -1.72
CA GLY A 232 0.45 17.45 -0.33
C GLY A 232 1.51 16.78 0.52
N ILE A 233 2.50 16.12 -0.08
CA ILE A 233 3.51 15.47 0.74
C ILE A 233 4.26 16.50 1.57
N ASP A 234 4.62 16.15 2.80
CA ASP A 234 5.25 17.06 3.74
C ASP A 234 6.63 16.55 4.11
N ASP A 235 7.34 17.33 4.95
CA ASP A 235 8.72 16.97 5.31
C ASP A 235 8.78 15.59 5.96
N GLU A 236 7.81 15.30 6.83
CA GLU A 236 7.79 14.03 7.55
C GLU A 236 7.66 12.84 6.59
N SER A 237 6.72 12.92 5.65
CA SER A 237 6.55 11.83 4.70
C SER A 237 7.79 11.66 3.82
N TYR A 238 8.35 12.77 3.34
CA TYR A 238 9.53 12.70 2.47
C TYR A 238 10.71 12.11 3.23
N GLY A 239 10.91 12.55 4.48
CA GLY A 239 11.96 11.99 5.31
C GLY A 239 11.77 10.53 5.67
N GLN A 240 10.53 10.04 5.63
CA GLN A 240 10.27 8.62 5.81
C GLN A 240 11.09 7.77 4.84
N ILE A 241 11.24 8.24 3.60
CA ILE A 241 11.65 7.38 2.50
C ILE A 241 12.92 7.82 1.81
N PHE A 242 13.34 9.09 1.89
CA PHE A 242 14.44 9.53 1.04
C PHE A 242 15.77 8.91 1.47
N LYS A 243 16.16 9.09 2.74
CA LYS A 243 17.42 8.51 3.19
C LYS A 243 17.44 6.98 3.08
N PRO A 244 16.39 6.24 3.47
CA PRO A 244 16.41 4.78 3.23
C PRO A 244 16.61 4.38 1.76
N ILE A 245 15.93 5.05 0.84
CA ILE A 245 16.06 4.66 -0.57
C ILE A 245 17.44 5.02 -1.11
N ILE A 246 17.92 6.22 -0.82
CA ILE A 246 19.24 6.61 -1.32
C ILE A 246 20.33 5.74 -0.70
N SER A 247 20.20 5.40 0.59
CA SER A 247 21.19 4.52 1.21
C SER A 247 21.23 3.16 0.52
N LYS A 248 20.06 2.59 0.22
CA LYS A 248 20.02 1.31 -0.45
C LYS A 248 20.57 1.40 -1.86
N VAL A 249 20.21 2.48 -2.58
CA VAL A 249 20.77 2.69 -3.91
C VAL A 249 22.28 2.79 -3.84
N MET A 250 22.81 3.58 -2.90
CA MET A 250 24.25 3.70 -2.76
C MET A 250 24.91 2.36 -2.49
N GLU A 251 24.30 1.56 -1.61
CA GLU A 251 24.86 0.25 -1.25
C GLU A 251 24.91 -0.68 -2.45
N MET A 252 23.81 -0.75 -3.21
CA MET A 252 23.72 -1.71 -4.29
C MET A 252 24.42 -1.23 -5.56
N TYR A 253 24.29 0.06 -5.89
CA TYR A 253 24.78 0.55 -7.16
C TYR A 253 26.22 1.02 -7.09
N GLN A 254 26.67 1.51 -5.94
CA GLN A 254 28.04 1.99 -5.74
C GLN A 254 28.51 2.95 -6.84
N PRO A 255 27.82 4.08 -7.02
CA PRO A 255 28.25 5.04 -8.04
C PRO A 255 29.56 5.70 -7.63
N SER A 256 30.27 6.25 -8.63
CA SER A 256 31.44 7.05 -8.32
C SER A 256 31.20 8.55 -8.46
N ALA A 257 30.08 8.97 -9.04
CA ALA A 257 29.71 10.37 -9.09
C ALA A 257 28.19 10.46 -9.00
N VAL A 258 27.71 11.61 -8.52
CA VAL A 258 26.28 11.83 -8.29
C VAL A 258 25.85 13.16 -8.89
N VAL A 259 24.70 13.18 -9.55
CA VAL A 259 24.05 14.41 -10.02
C VAL A 259 22.72 14.52 -9.29
N LEU A 260 22.51 15.65 -8.62
CA LEU A 260 21.31 15.88 -7.83
C LEU A 260 20.57 17.06 -8.43
N GLN A 261 19.37 16.81 -8.96
CA GLN A 261 18.48 17.85 -9.47
C GLN A 261 17.60 18.31 -8.31
N CYS A 262 17.68 19.60 -7.98
CA CYS A 262 17.04 20.16 -6.79
C CYS A 262 15.85 21.04 -7.13
N GLY A 263 15.03 20.62 -8.09
CA GLY A 263 13.90 21.43 -8.52
C GLY A 263 13.05 21.88 -7.33
N ALA A 264 12.80 23.18 -7.23
CA ALA A 264 12.12 23.77 -6.09
C ALA A 264 10.61 23.87 -6.29
N ASP A 265 10.06 23.28 -7.34
CA ASP A 265 8.61 23.27 -7.46
C ASP A 265 7.96 22.20 -6.57
N SER A 266 8.77 21.46 -5.81
CA SER A 266 8.26 20.56 -4.78
C SER A 266 8.08 21.26 -3.43
N LEU A 267 8.26 22.58 -3.37
CA LEU A 267 8.10 23.33 -2.13
C LEU A 267 6.64 23.73 -1.90
N SER A 268 6.26 23.76 -0.63
CA SER A 268 4.99 24.35 -0.21
C SER A 268 4.77 25.71 -0.85
N GLY A 269 3.57 25.94 -1.34
CA GLY A 269 3.20 27.24 -1.86
C GLY A 269 3.67 27.53 -3.27
N ASP A 270 4.22 26.54 -3.99
CA ASP A 270 4.63 26.78 -5.36
C ASP A 270 3.40 27.14 -6.21
N ARG A 271 3.59 28.10 -7.12
CA ARG A 271 2.48 28.56 -7.95
CA ARG A 271 2.49 28.56 -7.96
C ARG A 271 1.91 27.45 -8.82
N LEU A 272 2.76 26.51 -9.26
CA LEU A 272 2.32 25.42 -10.13
C LEU A 272 2.21 24.07 -9.41
N GLY A 273 3.08 23.79 -8.46
CA GLY A 273 3.13 22.48 -7.84
C GLY A 273 2.09 22.29 -6.75
N CYS A 274 2.04 21.06 -6.22
CA CYS A 274 1.04 20.67 -5.24
C CYS A 274 1.64 19.90 -4.07
N PHE A 275 2.92 20.11 -3.78
CA PHE A 275 3.58 19.50 -2.62
C PHE A 275 3.60 20.49 -1.45
N ASN A 276 4.09 20.02 -0.31
CA ASN A 276 4.05 20.81 0.92
C ASN A 276 5.37 20.71 1.68
N LEU A 277 6.50 20.65 0.97
CA LEU A 277 7.80 20.62 1.63
C LEU A 277 8.23 22.03 2.04
N THR A 278 8.95 22.13 3.16
CA THR A 278 9.62 23.37 3.53
C THR A 278 11.02 23.38 2.92
N VAL A 279 11.70 24.53 3.06
CA VAL A 279 13.08 24.60 2.60
C VAL A 279 13.97 23.65 3.41
N LYS A 280 13.70 23.51 4.71
CA LYS A 280 14.47 22.58 5.52
C LYS A 280 14.27 21.13 5.07
N GLY A 281 13.03 20.75 4.74
CA GLY A 281 12.80 19.38 4.33
C GLY A 281 13.37 19.09 2.97
N HIS A 282 13.28 20.07 2.06
CA HIS A 282 13.91 19.97 0.76
C HIS A 282 15.42 19.82 0.90
N ALA A 283 16.02 20.65 1.76
CA ALA A 283 17.47 20.68 1.90
C ALA A 283 18.00 19.47 2.65
N LYS A 284 17.16 18.79 3.43
CA LYS A 284 17.58 17.53 4.05
C LYS A 284 18.05 16.54 2.99
N CYS A 285 17.46 16.58 1.79
CA CYS A 285 17.89 15.70 0.71
C CYS A 285 19.33 15.99 0.31
N VAL A 286 19.69 17.27 0.21
CA VAL A 286 21.07 17.63 -0.11
C VAL A 286 22.01 17.10 0.98
N GLU A 287 21.63 17.30 2.24
CA GLU A 287 22.43 16.80 3.36
C GLU A 287 22.63 15.30 3.26
N VAL A 288 21.58 14.56 2.92
CA VAL A 288 21.69 13.09 2.84
C VAL A 288 22.68 12.70 1.76
N VAL A 289 22.54 13.28 0.57
CA VAL A 289 23.42 12.91 -0.54
C VAL A 289 24.86 13.32 -0.24
N LYS A 290 25.03 14.50 0.37
CA LYS A 290 26.34 15.01 0.75
C LYS A 290 27.14 14.03 1.61
N THR A 291 26.46 13.27 2.49
CA THR A 291 27.20 12.45 3.45
C THR A 291 27.91 11.26 2.80
N PHE A 292 27.54 10.86 1.58
CA PHE A 292 28.22 9.74 0.94
C PHE A 292 29.59 10.11 0.38
N ASN A 293 29.96 11.40 0.43
CA ASN A 293 31.31 11.86 0.11
CA ASN A 293 31.32 11.84 0.12
C ASN A 293 31.72 11.47 -1.31
N LEU A 294 30.80 11.63 -2.25
CA LEU A 294 31.08 11.39 -3.64
C LEU A 294 31.10 12.71 -4.41
N PRO A 295 31.85 12.78 -5.51
CA PRO A 295 31.77 13.97 -6.38
C PRO A 295 30.33 14.22 -6.77
N LEU A 296 29.89 15.46 -6.58
CA LEU A 296 28.47 15.78 -6.62
C LEU A 296 28.25 17.03 -7.48
N LEU A 297 27.39 16.91 -8.48
CA LEU A 297 26.90 18.04 -9.26
C LEU A 297 25.48 18.36 -8.82
N MET A 298 25.29 19.55 -8.28
CA MET A 298 23.99 19.99 -7.81
C MET A 298 23.40 20.97 -8.83
N LEU A 299 22.17 20.73 -9.24
CA LEU A 299 21.53 21.53 -10.28
C LEU A 299 20.19 22.06 -9.79
N GLY A 300 19.71 23.12 -10.45
CA GLY A 300 18.39 23.66 -10.21
C GLY A 300 17.27 22.81 -10.80
N GLY A 301 16.21 23.47 -11.24
CA GLY A 301 15.05 22.79 -11.80
C GLY A 301 13.84 23.72 -11.75
N GLY A 302 12.67 23.12 -11.57
CA GLY A 302 11.47 23.92 -11.52
C GLY A 302 11.43 24.81 -10.28
N GLY A 303 10.37 25.61 -10.19
CA GLY A 303 10.17 26.47 -9.04
C GLY A 303 9.57 27.80 -9.51
N TYR A 304 8.33 28.09 -9.07
CA TYR A 304 7.51 29.13 -9.69
C TYR A 304 6.99 30.16 -8.71
N THR A 305 7.23 29.99 -7.41
CA THR A 305 7.04 31.04 -6.42
C THR A 305 8.46 31.55 -6.11
N ILE A 306 8.88 32.62 -6.78
CA ILE A 306 10.32 32.79 -6.94
C ILE A 306 11.00 33.25 -5.65
N ARG A 307 10.28 33.91 -4.74
CA ARG A 307 10.86 34.16 -3.43
C ARG A 307 11.25 32.86 -2.72
N ASN A 308 10.48 31.79 -2.89
CA ASN A 308 10.82 30.56 -2.20
C ASN A 308 11.93 29.79 -2.91
N VAL A 309 12.01 29.95 -4.24
CA VAL A 309 13.13 29.38 -4.99
C VAL A 309 14.44 29.98 -4.50
N ALA A 310 14.50 31.31 -4.38
CA ALA A 310 15.72 31.97 -3.92
C ALA A 310 16.09 31.51 -2.52
N ARG A 311 15.11 31.36 -1.62
CA ARG A 311 15.39 30.90 -0.27
C ARG A 311 15.95 29.48 -0.31
N CYS A 312 15.30 28.62 -1.09
CA CYS A 312 15.65 27.21 -1.13
C CYS A 312 17.09 27.01 -1.59
N TRP A 313 17.45 27.63 -2.71
CA TRP A 313 18.77 27.37 -3.29
C TRP A 313 19.86 28.12 -2.55
N THR A 314 19.54 29.28 -1.95
CA THR A 314 20.48 29.90 -1.02
C THR A 314 20.78 28.96 0.15
N TYR A 315 19.74 28.42 0.78
CA TYR A 315 19.96 27.56 1.93
C TYR A 315 20.70 26.29 1.52
N GLU A 316 20.40 25.74 0.35
CA GLU A 316 21.08 24.52 -0.07
C GLU A 316 22.52 24.80 -0.47
N THR A 317 22.82 26.02 -0.94
CA THR A 317 24.21 26.40 -1.10
C THR A 317 24.91 26.42 0.25
N ALA A 318 24.25 27.00 1.27
CA ALA A 318 24.84 26.99 2.61
C ALA A 318 25.05 25.58 3.11
N VAL A 319 24.09 24.69 2.84
CA VAL A 319 24.21 23.30 3.26
C VAL A 319 25.42 22.65 2.60
N ALA A 320 25.60 22.90 1.29
CA ALA A 320 26.73 22.33 0.58
C ALA A 320 28.04 22.80 1.20
N LEU A 321 28.06 24.03 1.72
CA LEU A 321 29.26 24.62 2.31
C LEU A 321 29.42 24.29 3.79
N ASP A 322 28.47 23.57 4.38
CA ASP A 322 28.42 23.38 5.83
C ASP A 322 28.55 24.71 6.57
N CYS A 323 27.84 25.72 6.07
CA CYS A 323 27.87 27.07 6.61
C CYS A 323 26.48 27.39 7.16
N GLU A 324 26.40 27.61 8.47
CA GLU A 324 25.12 27.97 9.07
C GLU A 324 24.84 29.45 8.80
N ILE A 325 23.62 29.76 8.36
CA ILE A 325 23.26 31.15 8.10
C ILE A 325 22.00 31.51 8.89
N PRO A 326 21.84 32.78 9.27
CA PRO A 326 20.68 33.15 10.10
C PRO A 326 19.38 33.11 9.33
N ASN A 327 18.30 32.90 10.08
CA ASN A 327 16.96 32.92 9.51
C ASN A 327 16.55 34.34 9.10
N GLU A 328 17.06 35.36 9.79
CA GLU A 328 16.76 36.73 9.42
C GLU A 328 17.45 37.06 8.10
N LEU A 329 16.69 37.46 7.09
CA LEU A 329 17.28 37.69 5.77
C LEU A 329 18.14 38.95 5.77
N PRO A 330 19.33 38.91 5.18
CA PRO A 330 20.09 40.15 5.03
C PRO A 330 19.42 41.00 3.97
N TYR A 331 19.65 42.31 4.06
CA TYR A 331 19.21 43.19 3.00
C TYR A 331 19.80 42.72 1.67
N ASN A 332 19.06 42.95 0.58
CA ASN A 332 19.46 42.52 -0.75
C ASN A 332 18.64 43.28 -1.77
N ASP A 333 19.02 43.15 -3.06
CA ASP A 333 18.37 43.87 -4.15
C ASP A 333 16.91 43.50 -4.35
N TYR A 334 16.44 42.41 -3.77
CA TYR A 334 15.09 41.92 -3.98
C TYR A 334 14.37 41.75 -2.65
N PHE A 335 14.75 42.55 -1.66
CA PHE A 335 14.29 42.36 -0.29
C PHE A 335 12.77 42.36 -0.19
N GLU A 336 12.09 43.20 -0.97
CA GLU A 336 10.63 43.28 -0.90
C GLU A 336 9.94 41.98 -1.33
N TYR A 337 10.60 41.14 -2.14
CA TYR A 337 9.99 39.87 -2.53
C TYR A 337 9.76 38.94 -1.35
N PHE A 338 10.49 39.13 -0.25
CA PHE A 338 10.51 38.19 0.85
C PHE A 338 9.60 38.59 2.01
N GLY A 339 8.80 39.62 1.84
CA GLY A 339 7.83 39.96 2.84
C GLY A 339 6.70 38.94 2.85
N PRO A 340 5.83 39.01 3.85
CA PRO A 340 5.82 39.99 4.96
C PRO A 340 6.73 39.61 6.11
N ASP A 341 7.39 38.46 6.06
CA ASP A 341 8.20 37.95 7.17
C ASP A 341 9.68 38.30 7.07
N PHE A 342 10.23 38.31 5.86
CA PHE A 342 11.65 38.60 5.63
C PHE A 342 12.56 37.61 6.36
N LYS A 343 12.11 36.35 6.41
CA LYS A 343 12.87 35.23 6.95
C LYS A 343 13.28 34.26 5.85
N LEU A 344 14.30 33.46 6.14
CA LEU A 344 14.78 32.49 5.16
C LEU A 344 13.86 31.27 5.07
N HIS A 345 13.42 30.74 6.20
CA HIS A 345 12.68 29.48 6.19
C HIS A 345 11.19 29.72 6.08
N ILE A 346 10.48 28.73 5.55
CA ILE A 346 9.06 28.87 5.25
C ILE A 346 8.28 27.84 6.06
N SER A 347 7.00 28.12 6.25
CA SER A 347 6.11 27.21 6.93
CA SER A 347 6.13 27.19 6.93
C SER A 347 5.28 26.42 5.94
N PRO A 348 4.94 25.17 6.25
CA PRO A 348 4.03 24.43 5.37
C PRO A 348 2.63 25.02 5.45
N SER A 349 1.84 24.75 4.41
CA SER A 349 0.44 25.11 4.41
C SER A 349 -0.38 24.01 5.09
N ASN A 350 -1.68 24.25 5.24
CA ASN A 350 -2.57 23.27 5.86
C ASN A 350 -3.23 22.34 4.85
N MET A 351 -2.70 22.26 3.63
CA MET A 351 -3.26 21.36 2.64
C MET A 351 -3.16 19.92 3.14
N THR A 352 -4.11 19.11 2.72
CA THR A 352 -4.10 17.72 3.14
C THR A 352 -2.97 16.97 2.44
N ASN A 353 -2.30 16.12 3.20
CA ASN A 353 -1.31 15.20 2.65
C ASN A 353 -2.04 13.94 2.20
N GLN A 354 -2.18 13.76 0.89
CA GLN A 354 -2.81 12.57 0.33
C GLN A 354 -1.95 11.32 0.47
N ASN A 355 -0.68 11.46 0.85
CA ASN A 355 0.24 10.34 1.02
C ASN A 355 0.18 9.83 2.46
N THR A 356 -0.46 8.69 2.67
CA THR A 356 -0.50 8.13 3.99
C THR A 356 0.86 7.53 4.35
N PRO A 357 1.17 7.42 5.64
CA PRO A 357 2.40 6.73 6.04
C PRO A 357 2.48 5.29 5.53
N GLU A 358 1.33 4.59 5.45
CA GLU A 358 1.34 3.23 4.92
C GLU A 358 1.69 3.22 3.45
N TYR A 359 1.14 4.17 2.69
CA TYR A 359 1.49 4.30 1.27
C TYR A 359 2.99 4.50 1.11
N MET A 360 3.57 5.43 1.87
CA MET A 360 5.01 5.70 1.75
C MET A 360 5.82 4.44 2.00
N GLU A 361 5.52 3.71 3.08
CA GLU A 361 6.28 2.50 3.38
C GLU A 361 6.06 1.42 2.32
N LYS A 362 4.84 1.30 1.80
CA LYS A 362 4.57 0.24 0.84
C LYS A 362 5.33 0.48 -0.47
N ILE A 363 5.29 1.71 -1.00
CA ILE A 363 6.03 2.01 -2.22
C ILE A 363 7.52 1.78 -2.00
N LYS A 364 8.03 2.22 -0.85
CA LYS A 364 9.44 1.98 -0.54
C LYS A 364 9.78 0.51 -0.54
N GLN A 365 8.91 -0.33 0.05
CA GLN A 365 9.18 -1.76 0.10
C GLN A 365 9.20 -2.36 -1.31
N ARG A 366 8.32 -1.90 -2.19
CA ARG A 366 8.33 -2.37 -3.58
C ARG A 366 9.62 -1.94 -4.30
N LEU A 367 10.09 -0.72 -4.05
CA LEU A 367 11.36 -0.32 -4.68
C LEU A 367 12.52 -1.14 -4.13
N PHE A 368 12.50 -1.45 -2.83
CA PHE A 368 13.54 -2.29 -2.24
C PHE A 368 13.59 -3.65 -2.91
N GLU A 369 12.44 -4.22 -3.27
CA GLU A 369 12.42 -5.49 -3.99
C GLU A 369 13.17 -5.38 -5.32
N ASN A 370 12.97 -4.27 -6.03
CA ASN A 370 13.66 -4.09 -7.31
C ASN A 370 15.15 -3.92 -7.11
N LEU A 371 15.57 -3.20 -6.07
CA LEU A 371 16.99 -2.99 -5.83
C LEU A 371 17.72 -4.28 -5.46
N ARG A 372 16.99 -5.29 -4.96
CA ARG A 372 17.59 -6.59 -4.68
C ARG A 372 18.06 -7.30 -5.95
N MET A 373 17.52 -6.90 -7.10
CA MET A 373 17.85 -7.52 -8.37
C MET A 373 19.14 -6.99 -8.99
N LEU A 374 19.82 -6.04 -8.34
CA LEU A 374 21.13 -5.61 -8.81
C LEU A 374 22.20 -6.64 -8.42
N PRO A 375 23.31 -6.71 -9.17
CA PRO A 375 24.40 -7.64 -8.86
C PRO A 375 25.14 -7.30 -7.58
N LYS B 9 -13.96 -20.46 -23.68
CA LYS B 9 -14.39 -19.71 -22.50
C LYS B 9 -15.57 -18.78 -22.85
N LYS B 10 -16.37 -18.45 -21.86
CA LYS B 10 -17.51 -17.57 -22.08
C LYS B 10 -17.03 -16.14 -22.35
N LYS B 11 -17.83 -15.41 -23.12
CA LYS B 11 -17.52 -14.04 -23.50
C LYS B 11 -18.10 -13.06 -22.48
N VAL B 12 -17.30 -12.08 -22.10
CA VAL B 12 -17.69 -11.05 -21.13
C VAL B 12 -17.54 -9.69 -21.79
N CYS B 13 -18.62 -8.89 -21.77
CA CYS B 13 -18.54 -7.48 -22.12
C CYS B 13 -18.85 -6.62 -20.90
N TYR B 14 -18.25 -5.44 -20.89
CA TYR B 14 -18.21 -4.60 -19.71
C TYR B 14 -18.39 -3.14 -20.12
N TYR B 15 -19.23 -2.42 -19.38
CA TYR B 15 -19.59 -1.04 -19.73
C TYR B 15 -19.03 -0.06 -18.72
N TYR B 16 -18.43 1.01 -19.23
CA TYR B 16 -17.86 2.05 -18.37
C TYR B 16 -17.74 3.34 -19.16
N ASP B 17 -18.21 4.43 -18.57
CA ASP B 17 -17.97 5.76 -19.12
C ASP B 17 -17.02 6.52 -18.22
N GLY B 18 -15.96 7.08 -18.81
CA GLY B 18 -14.91 7.79 -18.09
C GLY B 18 -15.39 9.00 -17.28
N ASP B 19 -16.60 9.50 -17.51
CA ASP B 19 -17.09 10.61 -16.68
C ASP B 19 -17.96 10.17 -15.52
N ILE B 20 -18.27 8.87 -15.40
CA ILE B 20 -19.21 8.43 -14.35
C ILE B 20 -18.73 8.87 -12.97
N GLY B 21 -17.41 8.88 -12.74
CA GLY B 21 -16.89 9.25 -11.44
C GLY B 21 -16.89 10.73 -11.13
N ASN B 22 -17.28 11.57 -12.10
CA ASN B 22 -17.26 13.01 -11.90
C ASN B 22 -18.59 13.58 -11.43
N TYR B 23 -19.66 12.79 -11.42
CA TYR B 23 -20.94 13.24 -10.89
C TYR B 23 -20.90 13.16 -9.38
N TYR B 24 -21.44 14.19 -8.71
CA TYR B 24 -21.21 14.36 -7.28
C TYR B 24 -22.52 14.66 -6.58
N TYR B 25 -22.90 13.80 -5.61
CA TYR B 25 -24.17 13.95 -4.92
C TYR B 25 -24.18 15.14 -3.95
N GLY B 26 -23.02 15.66 -3.57
CA GLY B 26 -23.00 16.75 -2.62
C GLY B 26 -22.25 16.39 -1.36
N GLN B 27 -21.73 17.40 -0.67
CA GLN B 27 -20.93 17.15 0.53
C GLN B 27 -21.73 16.36 1.57
N GLY B 28 -21.10 15.33 2.11
CA GLY B 28 -21.72 14.50 3.14
C GLY B 28 -22.58 13.37 2.62
N HIS B 29 -22.92 13.36 1.34
CA HIS B 29 -23.78 12.28 0.85
C HIS B 29 -22.97 11.01 0.68
N PRO B 30 -23.43 9.86 1.19
CA PRO B 30 -22.61 8.65 1.15
C PRO B 30 -22.48 8.01 -0.23
N MET B 31 -23.37 8.31 -1.17
CA MET B 31 -23.24 7.76 -2.53
C MET B 31 -22.13 8.51 -3.27
N LYS B 32 -21.09 7.79 -3.70
CA LYS B 32 -19.90 8.38 -4.31
C LYS B 32 -19.65 7.73 -5.66
N PRO B 33 -20.08 8.34 -6.77
CA PRO B 33 -19.86 7.69 -8.08
C PRO B 33 -18.39 7.46 -8.41
N HIS B 34 -17.48 8.19 -7.77
CA HIS B 34 -16.04 7.96 -7.90
C HIS B 34 -15.65 6.50 -7.65
N ARG B 35 -16.45 5.78 -6.83
CA ARG B 35 -16.17 4.38 -6.55
C ARG B 35 -16.17 3.54 -7.82
N ILE B 36 -16.94 3.95 -8.84
CA ILE B 36 -16.96 3.23 -10.11
C ILE B 36 -15.66 3.41 -10.86
N ARG B 37 -15.11 4.64 -10.82
CA ARG B 37 -13.81 4.91 -11.41
C ARG B 37 -12.71 4.15 -10.67
N MET B 38 -12.77 4.08 -9.34
CA MET B 38 -11.79 3.31 -8.59
C MET B 38 -11.83 1.84 -8.99
N THR B 39 -13.04 1.28 -9.08
CA THR B 39 -13.22 -0.09 -9.55
C THR B 39 -12.54 -0.27 -10.91
N HIS B 40 -12.89 0.61 -11.86
CA HIS B 40 -12.35 0.51 -13.21
C HIS B 40 -10.84 0.55 -13.19
N ASN B 41 -10.27 1.50 -12.45
CA ASN B 41 -8.82 1.67 -12.49
C ASN B 41 -8.11 0.47 -11.87
N LEU B 42 -8.68 -0.10 -10.81
CA LEU B 42 -8.07 -1.28 -10.21
C LEU B 42 -8.09 -2.47 -11.19
N LEU B 43 -9.24 -2.72 -11.81
CA LEU B 43 -9.28 -3.91 -12.66
C LEU B 43 -8.46 -3.71 -13.93
N LEU B 44 -8.31 -2.46 -14.41
CA LEU B 44 -7.37 -2.20 -15.49
C LEU B 44 -5.95 -2.55 -15.07
N ASN B 45 -5.57 -2.17 -13.84
CA ASN B 45 -4.20 -2.41 -13.41
C ASN B 45 -3.95 -3.87 -13.07
N TYR B 46 -5.00 -4.66 -12.83
CA TYR B 46 -4.86 -6.11 -12.78
C TYR B 46 -4.70 -6.73 -14.17
N GLY B 47 -4.93 -5.97 -15.24
CA GLY B 47 -4.84 -6.49 -16.58
C GLY B 47 -6.09 -7.16 -17.12
N LEU B 48 -7.25 -7.01 -16.46
CA LEU B 48 -8.45 -7.73 -16.88
C LEU B 48 -9.00 -7.20 -18.20
N TYR B 49 -8.58 -6.03 -18.66
CA TYR B 49 -9.00 -5.54 -19.98
C TYR B 49 -8.51 -6.44 -21.10
N ARG B 50 -7.48 -7.25 -20.85
CA ARG B 50 -6.95 -8.12 -21.89
C ARG B 50 -7.90 -9.24 -22.23
N LYS B 51 -8.88 -9.53 -21.37
CA LYS B 51 -9.73 -10.69 -21.49
C LYS B 51 -11.20 -10.36 -21.71
N MET B 52 -11.58 -9.08 -21.76
CA MET B 52 -12.98 -8.76 -21.99
C MET B 52 -13.10 -7.55 -22.91
N GLU B 53 -14.27 -7.45 -23.54
CA GLU B 53 -14.61 -6.29 -24.35
C GLU B 53 -15.07 -5.18 -23.44
N ILE B 54 -14.47 -4.00 -23.59
CA ILE B 54 -14.88 -2.85 -22.80
C ILE B 54 -15.56 -1.87 -23.73
N TYR B 55 -16.80 -1.49 -23.37
CA TYR B 55 -17.59 -0.54 -24.14
C TYR B 55 -17.93 0.66 -23.28
N ARG B 56 -18.15 1.79 -23.96
CA ARG B 56 -18.76 2.98 -23.38
C ARG B 56 -20.27 2.87 -23.51
N PRO B 57 -21.04 3.10 -22.44
CA PRO B 57 -22.50 3.15 -22.59
C PRO B 57 -22.93 4.34 -23.43
N HIS B 58 -24.04 4.16 -24.14
CA HIS B 58 -24.72 5.34 -24.69
C HIS B 58 -25.47 6.05 -23.59
N LYS B 59 -25.89 7.29 -23.86
CA LYS B 59 -26.79 8.00 -22.95
C LYS B 59 -28.21 7.54 -23.23
N ALA B 60 -28.78 6.74 -22.32
CA ALA B 60 -30.14 6.22 -22.50
C ALA B 60 -31.12 7.36 -22.80
N THR B 61 -31.98 7.14 -23.79
CA THR B 61 -32.89 8.21 -24.19
C THR B 61 -34.12 8.25 -23.28
N ALA B 62 -34.81 9.40 -23.31
CA ALA B 62 -36.11 9.50 -22.65
C ALA B 62 -37.07 8.42 -23.14
N GLU B 63 -37.01 8.11 -24.44
CA GLU B 63 -37.80 7.00 -24.99
C GLU B 63 -37.49 5.69 -24.28
N GLU B 64 -36.21 5.38 -24.11
CA GLU B 64 -35.81 4.16 -23.41
C GLU B 64 -36.32 4.16 -21.98
N MET B 65 -36.15 5.28 -21.27
CA MET B 65 -36.51 5.31 -19.85
C MET B 65 -38.02 5.21 -19.63
N THR B 66 -38.82 5.73 -20.56
CA THR B 66 -40.28 5.66 -20.40
C THR B 66 -40.85 4.33 -20.83
N LYS B 67 -40.00 3.34 -21.18
CA LYS B 67 -40.52 1.98 -21.26
C LYS B 67 -41.04 1.52 -19.92
N TYR B 68 -40.58 2.13 -18.83
CA TYR B 68 -41.09 1.83 -17.50
C TYR B 68 -41.58 3.09 -16.78
N HIS B 69 -40.70 4.08 -16.65
CA HIS B 69 -41.03 5.27 -15.89
C HIS B 69 -42.07 6.13 -16.63
N SER B 70 -42.82 6.92 -15.86
CA SER B 70 -43.80 7.80 -16.45
C SER B 70 -43.13 8.98 -17.16
N ASP B 71 -43.80 9.47 -18.20
CA ASP B 71 -43.29 10.58 -18.98
C ASP B 71 -43.10 11.83 -18.13
N GLU B 72 -44.04 12.08 -17.22
CA GLU B 72 -43.95 13.26 -16.37
CA GLU B 72 -43.94 13.27 -16.37
C GLU B 72 -42.69 13.23 -15.50
N TYR B 73 -42.38 12.06 -14.94
CA TYR B 73 -41.21 11.95 -14.06
C TYR B 73 -39.91 12.11 -14.84
N ILE B 74 -39.82 11.49 -16.01
CA ILE B 74 -38.60 11.60 -16.82
C ILE B 74 -38.43 13.04 -17.33
N LYS B 75 -39.53 13.68 -17.74
CA LYS B 75 -39.42 15.07 -18.16
C LYS B 75 -38.92 15.94 -17.01
N PHE B 76 -39.37 15.69 -15.79
CA PHE B 76 -38.88 16.44 -14.64
C PHE B 76 -37.38 16.19 -14.41
N LEU B 77 -36.93 14.94 -14.48
CA LEU B 77 -35.51 14.66 -14.31
C LEU B 77 -34.68 15.34 -15.37
N ARG B 78 -35.21 15.46 -16.59
CA ARG B 78 -34.52 16.13 -17.67
C ARG B 78 -34.50 17.66 -17.50
N SER B 79 -35.30 18.19 -16.58
CA SER B 79 -35.46 19.64 -16.41
C SER B 79 -34.82 20.20 -15.16
N ILE B 80 -34.75 19.42 -14.09
CA ILE B 80 -34.39 19.95 -12.77
C ILE B 80 -32.89 20.20 -12.71
N ARG B 81 -32.51 21.35 -12.16
CA ARG B 81 -31.13 21.77 -12.02
C ARG B 81 -31.00 22.53 -10.72
N PRO B 82 -29.78 22.59 -10.15
CA PRO B 82 -29.60 23.42 -8.95
C PRO B 82 -30.09 24.84 -9.12
N ASP B 83 -29.88 25.45 -10.29
CA ASP B 83 -30.21 26.85 -10.49
C ASP B 83 -31.71 27.12 -10.68
N ASN B 84 -32.55 26.08 -10.83
CA ASN B 84 -33.98 26.34 -11.00
C ASN B 84 -34.84 25.55 -10.02
N MET B 85 -34.26 25.01 -8.95
CA MET B 85 -35.02 24.20 -7.99
C MET B 85 -36.18 24.98 -7.38
N SER B 86 -36.04 26.29 -7.22
CA SER B 86 -37.11 27.08 -6.61
C SER B 86 -38.37 27.05 -7.48
N GLU B 87 -38.20 27.09 -8.79
CA GLU B 87 -39.35 27.01 -9.69
C GLU B 87 -40.03 25.64 -9.66
N TYR B 88 -39.35 24.62 -9.14
CA TYR B 88 -39.82 23.23 -9.25
C TYR B 88 -40.06 22.59 -7.88
N SER B 89 -40.23 23.38 -6.82
CA SER B 89 -40.31 22.82 -5.48
C SER B 89 -41.49 21.87 -5.33
N LYS B 90 -42.60 22.13 -6.02
CA LYS B 90 -43.75 21.24 -5.93
C LYS B 90 -43.48 19.91 -6.64
N GLN B 91 -42.88 19.96 -7.82
CA GLN B 91 -42.53 18.75 -8.53
C GLN B 91 -41.45 17.97 -7.81
N MET B 92 -40.49 18.66 -7.19
CA MET B 92 -39.49 17.99 -6.37
C MET B 92 -40.14 17.16 -5.28
N GLN B 93 -41.19 17.70 -4.65
CA GLN B 93 -41.91 16.96 -3.63
C GLN B 93 -42.61 15.74 -4.23
N ARG B 94 -43.30 15.94 -5.35
CA ARG B 94 -44.08 14.87 -5.97
C ARG B 94 -43.21 13.69 -6.38
N PHE B 95 -42.01 13.97 -6.88
CA PHE B 95 -41.12 12.94 -7.40
C PHE B 95 -40.06 12.52 -6.40
N ASN B 96 -40.10 13.04 -5.17
CA ASN B 96 -39.21 12.68 -4.08
C ASN B 96 -37.75 12.95 -4.42
N VAL B 97 -37.48 14.12 -5.01
CA VAL B 97 -36.14 14.54 -5.34
C VAL B 97 -35.82 15.78 -4.51
N GLY B 98 -34.63 15.81 -3.91
CA GLY B 98 -34.19 16.99 -3.19
C GLY B 98 -33.48 16.74 -1.89
N GLU B 99 -33.68 15.58 -1.26
CA GLU B 99 -33.11 15.30 0.05
C GLU B 99 -32.14 14.13 -0.08
N ASP B 100 -32.57 12.91 0.24
CA ASP B 100 -31.69 11.75 0.07
C ASP B 100 -31.40 11.49 -1.40
N CYS B 101 -32.28 11.95 -2.30
CA CYS B 101 -32.04 11.89 -3.74
C CYS B 101 -31.88 13.33 -4.21
N PRO B 102 -30.71 13.92 -4.04
CA PRO B 102 -30.55 15.37 -4.24
C PRO B 102 -30.52 15.77 -5.70
N VAL B 103 -30.72 17.07 -5.91
CA VAL B 103 -30.46 17.70 -7.21
C VAL B 103 -28.98 18.01 -7.29
N PHE B 104 -28.33 17.55 -8.34
CA PHE B 104 -26.94 17.93 -8.57
C PHE B 104 -26.70 18.14 -10.06
N ASP B 105 -25.62 18.86 -10.37
CA ASP B 105 -25.25 19.15 -11.74
C ASP B 105 -25.04 17.85 -12.52
N GLY B 106 -25.66 17.75 -13.69
CA GLY B 106 -25.55 16.58 -14.52
C GLY B 106 -26.38 15.39 -14.08
N LEU B 107 -27.32 15.59 -13.15
CA LEU B 107 -28.12 14.48 -12.64
C LEU B 107 -28.70 13.65 -13.77
N PHE B 108 -29.34 14.31 -14.75
CA PHE B 108 -29.99 13.52 -15.79
C PHE B 108 -28.96 12.75 -16.61
N GLU B 109 -27.86 13.39 -16.99
CA GLU B 109 -26.79 12.70 -17.70
C GLU B 109 -26.28 11.49 -16.92
N PHE B 110 -26.09 11.66 -15.61
CA PHE B 110 -25.74 10.54 -14.73
C PHE B 110 -26.71 9.38 -14.87
N CYS B 111 -28.02 9.68 -14.80
CA CYS B 111 -29.03 8.64 -15.00
C CYS B 111 -28.89 7.98 -16.37
N GLN B 112 -28.61 8.77 -17.41
CA GLN B 112 -28.54 8.23 -18.76
C GLN B 112 -27.40 7.23 -18.90
N LEU B 113 -26.26 7.52 -18.29
CA LEU B 113 -25.08 6.68 -18.42
C LEU B 113 -25.22 5.40 -17.62
N SER B 114 -25.71 5.51 -16.39
CA SER B 114 -25.91 4.31 -15.58
C SER B 114 -26.93 3.40 -16.25
N THR B 115 -28.03 3.97 -16.73
CA THR B 115 -29.06 3.19 -17.40
C THR B 115 -28.55 2.64 -18.73
N GLY B 116 -27.81 3.47 -19.48
CA GLY B 116 -27.36 3.04 -20.79
C GLY B 116 -26.56 1.76 -20.74
N GLY B 117 -25.69 1.62 -19.74
CA GLY B 117 -24.90 0.41 -19.64
C GLY B 117 -25.76 -0.83 -19.44
N SER B 118 -26.81 -0.72 -18.62
CA SER B 118 -27.62 -1.89 -18.32
C SER B 118 -28.46 -2.30 -19.53
N VAL B 119 -29.07 -1.33 -20.21
CA VAL B 119 -29.90 -1.66 -21.37
C VAL B 119 -29.03 -2.13 -22.54
N ALA B 120 -27.85 -1.51 -22.72
CA ALA B 120 -26.96 -1.95 -23.78
C ALA B 120 -26.47 -3.37 -23.55
N GLY B 121 -26.19 -3.72 -22.28
CA GLY B 121 -25.77 -5.09 -22.00
C GLY B 121 -26.88 -6.09 -22.25
N ALA B 122 -28.12 -5.72 -21.90
CA ALA B 122 -29.25 -6.61 -22.15
C ALA B 122 -29.45 -6.83 -23.65
N VAL B 123 -29.25 -5.77 -24.45
CA VAL B 123 -29.35 -5.93 -25.90
C VAL B 123 -28.28 -6.89 -26.40
N LYS B 124 -27.04 -6.72 -25.93
CA LYS B 124 -25.94 -7.60 -26.31
C LYS B 124 -26.24 -9.04 -25.94
N LEU B 125 -26.82 -9.27 -24.76
CA LEU B 125 -27.23 -10.63 -24.41
C LEU B 125 -28.35 -11.14 -25.34
N ASN B 126 -29.33 -10.29 -25.64
CA ASN B 126 -30.43 -10.68 -26.52
C ASN B 126 -29.92 -11.09 -27.91
N ARG B 127 -28.97 -10.33 -28.45
CA ARG B 127 -28.40 -10.61 -29.76
C ARG B 127 -27.33 -11.70 -29.72
N GLN B 128 -27.16 -12.36 -28.57
CA GLN B 128 -26.22 -13.48 -28.41
C GLN B 128 -24.81 -13.11 -28.86
N GLN B 129 -24.44 -11.85 -28.69
CA GLN B 129 -23.08 -11.40 -28.93
C GLN B 129 -22.20 -11.48 -27.69
N THR B 130 -22.76 -11.85 -26.53
CA THR B 130 -21.97 -12.02 -25.33
C THR B 130 -22.69 -13.03 -24.44
N ASP B 131 -21.93 -13.66 -23.55
CA ASP B 131 -22.52 -14.55 -22.56
C ASP B 131 -22.81 -13.85 -21.24
N MET B 132 -21.98 -12.87 -20.88
CA MET B 132 -22.12 -12.06 -19.68
C MET B 132 -21.90 -10.60 -20.06
N ALA B 133 -22.71 -9.72 -19.47
CA ALA B 133 -22.53 -8.28 -19.59
C ALA B 133 -22.48 -7.70 -18.18
N VAL B 134 -21.60 -6.74 -17.97
CA VAL B 134 -21.33 -6.17 -16.66
C VAL B 134 -21.50 -4.66 -16.74
N ASN B 135 -22.30 -4.10 -15.81
CA ASN B 135 -22.42 -2.64 -15.69
C ASN B 135 -22.38 -2.28 -14.21
N TRP B 136 -21.18 -2.02 -13.68
CA TRP B 136 -21.08 -1.72 -12.25
C TRP B 136 -21.72 -0.39 -11.89
N ALA B 137 -21.94 0.48 -12.87
CA ALA B 137 -22.63 1.75 -12.60
C ALA B 137 -24.12 1.57 -12.37
N GLY B 138 -24.69 0.43 -12.73
CA GLY B 138 -26.11 0.21 -12.61
C GLY B 138 -26.50 -0.48 -11.31
N GLY B 139 -27.69 -1.07 -11.31
CA GLY B 139 -28.19 -1.74 -10.13
C GLY B 139 -29.06 -0.89 -9.21
N LEU B 140 -29.77 0.11 -9.75
CA LEU B 140 -30.45 1.12 -8.93
C LEU B 140 -31.85 0.62 -8.57
N HIS B 141 -31.90 -0.31 -7.62
CA HIS B 141 -33.11 -1.11 -7.50
C HIS B 141 -34.25 -0.45 -6.72
N HIS B 142 -34.02 0.74 -6.12
CA HIS B 142 -35.08 1.41 -5.37
C HIS B 142 -35.96 2.33 -6.22
N ALA B 143 -35.50 2.77 -7.39
CA ALA B 143 -36.26 3.77 -8.13
C ALA B 143 -37.61 3.20 -8.54
N LYS B 144 -38.64 4.04 -8.47
CA LYS B 144 -40.02 3.66 -8.72
C LYS B 144 -40.50 4.27 -10.04
N LYS B 145 -41.68 3.83 -10.46
CA LYS B 145 -42.20 4.26 -11.75
C LYS B 145 -42.23 5.78 -11.89
N SER B 146 -42.62 6.48 -10.83
CA SER B 146 -42.68 7.94 -10.89
CA SER B 146 -42.67 7.94 -10.90
C SER B 146 -42.11 8.59 -9.64
N GLU B 147 -41.12 7.96 -9.00
CA GLU B 147 -40.50 8.55 -7.82
C GLU B 147 -39.07 8.08 -7.70
N ALA B 148 -38.19 8.99 -7.27
CA ALA B 148 -36.86 8.60 -6.83
C ALA B 148 -36.95 8.04 -5.41
N SER B 149 -35.97 7.22 -5.05
CA SER B 149 -35.94 6.65 -3.71
C SER B 149 -34.57 6.07 -3.44
N GLY B 150 -34.08 6.25 -2.21
CA GLY B 150 -32.89 5.53 -1.77
C GLY B 150 -31.65 5.77 -2.61
N PHE B 151 -31.44 7.02 -3.04
CA PHE B 151 -30.33 7.50 -3.85
C PHE B 151 -30.49 7.11 -5.31
N CYS B 152 -31.57 6.42 -5.68
CA CYS B 152 -31.82 5.97 -7.05
C CYS B 152 -32.87 6.84 -7.73
N TYR B 153 -32.66 7.16 -9.02
CA TYR B 153 -33.62 7.96 -9.77
C TYR B 153 -34.28 7.17 -10.89
N VAL B 154 -33.50 6.44 -11.69
CA VAL B 154 -34.03 5.68 -12.82
C VAL B 154 -33.69 4.22 -12.59
N ASN B 155 -34.68 3.34 -12.74
CA ASN B 155 -34.47 1.94 -12.42
C ASN B 155 -33.93 1.22 -13.64
N ASP B 156 -32.60 1.23 -13.77
CA ASP B 156 -31.94 0.58 -14.91
C ASP B 156 -32.19 -0.92 -14.94
N ILE B 157 -32.45 -1.51 -13.78
CA ILE B 157 -32.70 -2.95 -13.70
C ILE B 157 -34.01 -3.30 -14.37
N VAL B 158 -35.07 -2.58 -14.02
CA VAL B 158 -36.38 -2.86 -14.63
C VAL B 158 -36.31 -2.68 -16.14
N LEU B 159 -35.61 -1.63 -16.58
CA LEU B 159 -35.47 -1.37 -18.01
C LEU B 159 -34.69 -2.48 -18.70
N ALA B 160 -33.60 -2.94 -18.09
CA ALA B 160 -32.84 -4.06 -18.64
C ALA B 160 -33.68 -5.35 -18.69
N ILE B 161 -34.48 -5.61 -17.66
CA ILE B 161 -35.31 -6.81 -17.66
C ILE B 161 -36.39 -6.72 -18.73
N LEU B 162 -37.01 -5.54 -18.88
CA LEU B 162 -37.98 -5.36 -19.95
C LEU B 162 -37.36 -5.64 -21.31
N GLU B 163 -36.09 -5.25 -21.49
CA GLU B 163 -35.40 -5.55 -22.75
C GLU B 163 -35.18 -7.05 -22.90
N LEU B 164 -34.72 -7.72 -21.84
CA LEU B 164 -34.57 -9.18 -21.90
C LEU B 164 -35.91 -9.86 -22.18
N LEU B 165 -36.99 -9.34 -21.61
CA LEU B 165 -38.29 -9.98 -21.80
C LEU B 165 -38.76 -9.94 -23.25
N LYS B 166 -38.10 -9.18 -24.13
CA LYS B 166 -38.48 -9.25 -25.54
C LYS B 166 -38.15 -10.61 -26.13
N TYR B 167 -37.06 -11.23 -25.69
CA TYR B 167 -36.59 -12.50 -26.22
C TYR B 167 -36.71 -13.67 -25.26
N HIS B 168 -36.92 -13.41 -23.97
CA HIS B 168 -36.90 -14.46 -22.97
C HIS B 168 -38.24 -14.58 -22.29
N GLN B 169 -38.80 -15.80 -22.29
CA GLN B 169 -40.09 -16.03 -21.65
C GLN B 169 -40.01 -15.81 -20.15
N ARG B 170 -38.92 -16.27 -19.53
CA ARG B 170 -38.75 -16.22 -18.08
C ARG B 170 -37.36 -15.67 -17.77
N VAL B 171 -37.33 -14.62 -16.94
CA VAL B 171 -36.11 -13.97 -16.52
C VAL B 171 -36.04 -14.07 -15.00
N LEU B 172 -34.86 -14.45 -14.49
CA LEU B 172 -34.63 -14.54 -13.06
C LEU B 172 -33.83 -13.33 -12.61
N TYR B 173 -34.30 -12.67 -11.54
CA TYR B 173 -33.60 -11.55 -10.91
C TYR B 173 -33.15 -11.97 -9.51
N ILE B 174 -31.87 -11.75 -9.22
CA ILE B 174 -31.27 -12.12 -7.94
C ILE B 174 -30.58 -10.88 -7.39
N ASP B 175 -30.76 -10.63 -6.10
CA ASP B 175 -30.40 -9.33 -5.53
C ASP B 175 -29.69 -9.59 -4.21
N ILE B 176 -28.38 -9.30 -4.14
CA ILE B 176 -27.60 -9.54 -2.92
C ILE B 176 -27.13 -8.23 -2.27
N ASP B 177 -27.64 -7.09 -2.73
CA ASP B 177 -27.61 -5.85 -1.98
C ASP B 177 -28.13 -6.10 -0.57
N ILE B 178 -27.60 -5.37 0.41
CA ILE B 178 -28.13 -5.55 1.77
C ILE B 178 -29.58 -5.09 1.89
N HIS B 179 -30.07 -4.24 0.97
CA HIS B 179 -31.44 -3.77 1.02
C HIS B 179 -32.35 -4.59 0.11
N HIS B 180 -33.63 -4.64 0.48
CA HIS B 180 -34.64 -5.25 -0.38
C HIS B 180 -34.71 -4.52 -1.72
N GLY B 181 -34.71 -5.28 -2.82
CA GLY B 181 -34.89 -4.64 -4.11
C GLY B 181 -36.35 -4.32 -4.40
N ASP B 182 -36.89 -3.29 -3.74
CA ASP B 182 -38.35 -3.09 -3.76
C ASP B 182 -38.83 -2.59 -5.13
N GLY B 183 -38.02 -1.75 -5.80
CA GLY B 183 -38.46 -1.21 -7.08
C GLY B 183 -38.56 -2.27 -8.15
N VAL B 184 -37.66 -3.25 -8.13
CA VAL B 184 -37.73 -4.33 -9.10
C VAL B 184 -38.85 -5.30 -8.76
N GLU B 185 -38.97 -5.66 -7.49
CA GLU B 185 -40.04 -6.56 -7.08
C GLU B 185 -41.40 -5.97 -7.39
N GLU B 186 -41.54 -4.67 -7.16
CA GLU B 186 -42.82 -4.00 -7.39
C GLU B 186 -43.18 -4.00 -8.87
N ALA B 187 -42.21 -3.70 -9.74
CA ALA B 187 -42.50 -3.67 -11.17
C ALA B 187 -43.04 -4.99 -11.68
N PHE B 188 -42.57 -6.11 -11.14
CA PHE B 188 -42.91 -7.44 -11.65
C PHE B 188 -43.72 -8.25 -10.64
N TYR B 189 -44.35 -7.60 -9.67
CA TYR B 189 -44.98 -8.32 -8.57
C TYR B 189 -46.16 -9.18 -9.04
N THR B 190 -46.81 -8.80 -10.14
CA THR B 190 -47.99 -9.51 -10.60
C THR B 190 -47.73 -10.34 -11.86
N THR B 191 -46.48 -10.63 -12.20
CA THR B 191 -46.20 -11.45 -13.36
C THR B 191 -45.33 -12.65 -13.00
N ASP B 192 -45.54 -13.74 -13.73
CA ASP B 192 -44.70 -14.93 -13.62
C ASP B 192 -43.58 -14.93 -14.64
N ARG B 193 -43.47 -13.89 -15.47
CA ARG B 193 -42.39 -13.83 -16.43
C ARG B 193 -41.09 -13.29 -15.84
N VAL B 194 -41.13 -12.77 -14.62
CA VAL B 194 -39.92 -12.42 -13.87
C VAL B 194 -40.08 -12.96 -12.47
N MET B 195 -39.14 -13.79 -12.03
CA MET B 195 -39.05 -14.18 -10.63
C MET B 195 -37.98 -13.31 -9.97
N THR B 196 -38.34 -12.67 -8.88
CA THR B 196 -37.41 -11.81 -8.15
C THR B 196 -37.05 -12.52 -6.85
N VAL B 197 -35.74 -12.58 -6.57
CA VAL B 197 -35.21 -13.27 -5.39
C VAL B 197 -34.29 -12.27 -4.71
N SER B 198 -34.69 -11.79 -3.52
CA SER B 198 -33.88 -10.83 -2.79
C SER B 198 -33.47 -11.41 -1.45
N PHE B 199 -32.19 -11.28 -1.14
CA PHE B 199 -31.65 -11.52 0.19
C PHE B 199 -31.30 -10.16 0.79
N HIS B 200 -31.76 -9.89 2.02
CA HIS B 200 -31.62 -8.53 2.55
C HIS B 200 -31.83 -8.51 4.05
N LYS B 201 -31.27 -7.48 4.67
CA LYS B 201 -31.60 -7.18 6.06
C LYS B 201 -33.05 -6.72 6.13
N TYR B 202 -33.78 -7.29 7.09
CA TYR B 202 -35.19 -6.98 7.28
C TYR B 202 -35.46 -6.78 8.76
N GLY B 203 -36.27 -5.79 9.07
CA GLY B 203 -36.58 -5.47 10.45
C GLY B 203 -36.30 -4.01 10.74
N GLU B 204 -37.32 -3.17 10.58
CA GLU B 204 -37.18 -1.72 10.77
C GLU B 204 -35.97 -1.19 10.02
N TYR B 205 -35.88 -1.53 8.74
CA TYR B 205 -34.73 -1.22 7.92
C TYR B 205 -35.21 -0.71 6.56
N PHE B 206 -34.45 0.19 5.96
CA PHE B 206 -34.83 0.69 4.64
C PHE B 206 -34.85 -0.47 3.64
N PRO B 207 -35.84 -0.53 2.72
CA PRO B 207 -36.98 0.37 2.51
C PRO B 207 -38.21 -0.07 3.30
N GLY B 208 -38.14 -1.15 4.07
CA GLY B 208 -39.25 -1.58 4.91
C GLY B 208 -40.08 -2.71 4.33
N THR B 209 -39.81 -3.14 3.10
CA THR B 209 -40.51 -4.19 2.42
C THR B 209 -39.65 -5.45 2.37
N GLY B 210 -40.12 -6.48 1.67
CA GLY B 210 -39.35 -7.70 1.57
C GLY B 210 -39.59 -8.69 2.69
N ASP B 211 -40.81 -8.73 3.22
CA ASP B 211 -41.14 -9.76 4.19
C ASP B 211 -41.11 -11.13 3.53
N LEU B 212 -40.75 -12.14 4.32
CA LEU B 212 -40.88 -13.55 3.95
C LEU B 212 -42.22 -13.86 3.29
N ARG B 213 -43.27 -13.22 3.76
CA ARG B 213 -44.63 -13.53 3.32
C ARG B 213 -45.06 -12.74 2.09
N ASP B 214 -44.21 -11.84 1.58
CA ASP B 214 -44.47 -11.18 0.30
C ASP B 214 -44.00 -12.12 -0.79
N ILE B 215 -44.95 -12.78 -1.45
CA ILE B 215 -44.61 -13.84 -2.41
C ILE B 215 -45.15 -13.55 -3.81
N GLY B 216 -45.66 -12.35 -4.04
CA GLY B 216 -46.25 -12.02 -5.32
C GLY B 216 -47.76 -12.03 -5.27
N ALA B 217 -48.38 -11.60 -6.36
CA ALA B 217 -49.84 -11.48 -6.40
C ALA B 217 -50.35 -11.83 -7.79
N GLY B 218 -51.56 -12.37 -7.84
CA GLY B 218 -52.18 -12.65 -9.14
C GLY B 218 -51.40 -13.72 -9.88
N LYS B 219 -51.15 -13.48 -11.16
CA LYS B 219 -50.35 -14.43 -11.92
C LYS B 219 -48.94 -14.54 -11.36
N GLY B 220 -48.49 -13.52 -10.63
CA GLY B 220 -47.18 -13.52 -10.01
C GLY B 220 -47.10 -14.18 -8.65
N LYS B 221 -48.19 -14.75 -8.13
CA LYS B 221 -48.12 -15.38 -6.82
C LYS B 221 -47.15 -16.56 -6.87
N TYR B 222 -46.20 -16.56 -5.93
CA TYR B 222 -45.07 -17.48 -5.79
C TYR B 222 -43.90 -17.11 -6.70
N TYR B 223 -43.95 -15.99 -7.42
CA TYR B 223 -42.83 -15.56 -8.28
C TYR B 223 -42.08 -14.38 -7.69
N ALA B 224 -42.27 -14.10 -6.40
CA ALA B 224 -41.40 -13.21 -5.64
C ALA B 224 -40.88 -13.97 -4.43
N VAL B 225 -39.57 -13.91 -4.21
CA VAL B 225 -38.90 -14.66 -3.15
C VAL B 225 -38.08 -13.68 -2.32
N ASN B 226 -38.30 -13.69 -1.01
CA ASN B 226 -37.64 -12.75 -0.10
C ASN B 226 -37.03 -13.54 1.05
N PHE B 227 -35.72 -13.40 1.24
CA PHE B 227 -35.03 -14.05 2.36
C PHE B 227 -34.60 -12.97 3.35
N PRO B 228 -35.34 -12.75 4.42
CA PRO B 228 -34.99 -11.71 5.38
C PRO B 228 -33.89 -12.20 6.33
N MET B 229 -32.91 -11.31 6.57
CA MET B 229 -31.75 -11.64 7.39
C MET B 229 -31.56 -10.59 8.48
N ARG B 230 -30.78 -10.96 9.49
CA ARG B 230 -30.44 -10.07 10.60
C ARG B 230 -28.99 -9.59 10.46
N ASP B 231 -28.63 -8.65 11.34
CA ASP B 231 -27.27 -8.11 11.39
C ASP B 231 -26.22 -9.21 11.49
N GLY B 232 -25.06 -8.96 10.90
CA GLY B 232 -23.87 -9.75 11.15
C GLY B 232 -23.76 -11.03 10.37
N ILE B 233 -24.59 -11.25 9.36
CA ILE B 233 -24.47 -12.48 8.61
C ILE B 233 -23.06 -12.56 8.01
N ASP B 234 -22.51 -13.77 7.97
CA ASP B 234 -21.14 -14.01 7.52
C ASP B 234 -21.12 -14.95 6.32
N ASP B 235 -19.91 -15.19 5.78
CA ASP B 235 -19.76 -15.98 4.57
C ASP B 235 -20.36 -17.36 4.73
N GLU B 236 -20.11 -17.99 5.87
CA GLU B 236 -20.55 -19.36 6.10
C GLU B 236 -22.07 -19.44 6.14
N SER B 237 -22.73 -18.51 6.84
CA SER B 237 -24.19 -18.53 6.93
C SER B 237 -24.84 -18.20 5.58
N TYR B 238 -24.30 -17.20 4.89
CA TYR B 238 -24.85 -16.80 3.60
C TYR B 238 -24.70 -17.92 2.58
N GLY B 239 -23.52 -18.53 2.51
CA GLY B 239 -23.25 -19.52 1.46
C GLY B 239 -24.05 -20.78 1.65
N GLN B 240 -24.35 -21.13 2.90
CA GLN B 240 -25.15 -22.30 3.22
C GLN B 240 -26.59 -22.18 2.74
N ILE B 241 -27.12 -20.98 2.53
CA ILE B 241 -28.49 -20.86 2.05
C ILE B 241 -28.57 -20.39 0.60
N PHE B 242 -27.59 -19.61 0.11
CA PHE B 242 -27.70 -19.05 -1.24
C PHE B 242 -27.72 -20.15 -2.29
N LYS B 243 -26.72 -21.03 -2.28
CA LYS B 243 -26.67 -22.07 -3.31
C LYS B 243 -27.89 -22.98 -3.28
N PRO B 244 -28.35 -23.48 -2.12
CA PRO B 244 -29.60 -24.28 -2.14
C PRO B 244 -30.80 -23.51 -2.66
N ILE B 245 -30.99 -22.26 -2.24
CA ILE B 245 -32.15 -21.49 -2.70
C ILE B 245 -32.09 -21.30 -4.21
N ILE B 246 -30.92 -20.88 -4.72
CA ILE B 246 -30.83 -20.57 -6.15
C ILE B 246 -30.94 -21.85 -6.98
N SER B 247 -30.35 -22.95 -6.50
CA SER B 247 -30.50 -24.21 -7.24
C SER B 247 -31.97 -24.63 -7.35
N LYS B 248 -32.74 -24.45 -6.27
CA LYS B 248 -34.15 -24.82 -6.29
C LYS B 248 -34.95 -23.89 -7.19
N VAL B 249 -34.67 -22.59 -7.13
CA VAL B 249 -35.31 -21.65 -8.06
C VAL B 249 -35.00 -22.05 -9.50
N MET B 250 -33.74 -22.38 -9.80
CA MET B 250 -33.38 -22.75 -11.16
C MET B 250 -34.13 -24.01 -11.60
N GLU B 251 -34.24 -24.98 -10.70
CA GLU B 251 -34.91 -26.24 -11.02
C GLU B 251 -36.39 -26.02 -11.27
N MET B 252 -37.05 -25.24 -10.42
CA MET B 252 -38.49 -25.05 -10.54
C MET B 252 -38.85 -24.02 -11.62
N TYR B 253 -38.11 -22.92 -11.70
CA TYR B 253 -38.52 -21.81 -12.55
C TYR B 253 -37.96 -21.89 -13.97
N GLN B 254 -36.78 -22.49 -14.14
CA GLN B 254 -36.19 -22.69 -15.45
C GLN B 254 -36.10 -21.41 -16.28
N PRO B 255 -35.46 -20.36 -15.76
CA PRO B 255 -35.31 -19.13 -16.53
C PRO B 255 -34.37 -19.34 -17.70
N SER B 256 -34.47 -18.48 -18.71
CA SER B 256 -33.51 -18.49 -19.82
C SER B 256 -32.53 -17.32 -19.77
N ALA B 257 -32.68 -16.41 -18.82
CA ALA B 257 -31.72 -15.32 -18.63
C ALA B 257 -31.75 -14.91 -17.16
N VAL B 258 -30.63 -14.34 -16.68
CA VAL B 258 -30.48 -14.00 -15.27
C VAL B 258 -29.92 -12.59 -15.16
N VAL B 259 -30.49 -11.79 -14.26
CA VAL B 259 -29.94 -10.50 -13.86
C VAL B 259 -29.52 -10.60 -12.40
N LEU B 260 -28.27 -10.26 -12.10
CA LEU B 260 -27.72 -10.39 -10.76
C LEU B 260 -27.27 -9.01 -10.30
N GLN B 261 -27.96 -8.46 -9.31
CA GLN B 261 -27.60 -7.17 -8.72
C GLN B 261 -26.62 -7.47 -7.59
N CYS B 262 -25.41 -6.92 -7.68
CA CYS B 262 -24.30 -7.25 -6.79
C CYS B 262 -23.98 -6.13 -5.81
N GLY B 263 -24.99 -5.50 -5.23
CA GLY B 263 -24.76 -4.40 -4.29
C GLY B 263 -23.78 -4.78 -3.21
N ALA B 264 -22.75 -3.95 -3.01
CA ALA B 264 -21.65 -4.24 -2.10
C ALA B 264 -21.87 -3.64 -0.71
N ASP B 265 -23.06 -3.10 -0.42
CA ASP B 265 -23.31 -2.65 0.94
C ASP B 265 -23.61 -3.80 1.89
N SER B 266 -23.61 -5.03 1.39
CA SER B 266 -23.68 -6.22 2.23
C SER B 266 -22.29 -6.69 2.70
N LEU B 267 -21.22 -5.96 2.37
CA LEU B 267 -19.89 -6.33 2.82
C LEU B 267 -19.64 -5.87 4.25
N SER B 268 -18.81 -6.64 4.94
CA SER B 268 -18.27 -6.24 6.23
C SER B 268 -17.63 -4.86 6.14
N GLY B 269 -17.85 -4.03 7.15
CA GLY B 269 -17.23 -2.73 7.21
C GLY B 269 -17.89 -1.67 6.35
N ASP B 270 -19.06 -1.94 5.78
CA ASP B 270 -19.75 -0.93 5.01
C ASP B 270 -20.20 0.22 5.89
N ARG B 271 -20.07 1.44 5.38
CA ARG B 271 -20.36 2.62 6.19
C ARG B 271 -21.82 2.66 6.62
N LEU B 272 -22.72 2.14 5.79
CA LEU B 272 -24.16 2.17 6.08
C LEU B 272 -24.73 0.81 6.47
N GLY B 273 -24.17 -0.31 5.95
CA GLY B 273 -24.76 -1.61 6.17
C GLY B 273 -24.30 -2.29 7.46
N CYS B 274 -24.91 -3.45 7.75
CA CYS B 274 -24.71 -4.13 9.01
C CYS B 274 -24.45 -5.63 8.83
N PHE B 275 -23.98 -6.04 7.65
CA PHE B 275 -23.61 -7.42 7.37
C PHE B 275 -22.11 -7.60 7.55
N ASN B 276 -21.68 -8.86 7.50
CA ASN B 276 -20.28 -9.20 7.78
C ASN B 276 -19.71 -10.12 6.72
N LEU B 277 -20.07 -9.91 5.45
CA LEU B 277 -19.55 -10.71 4.35
C LEU B 277 -18.16 -10.23 3.92
N THR B 278 -17.32 -11.17 3.49
CA THR B 278 -16.08 -10.78 2.83
C THR B 278 -16.31 -10.69 1.33
N VAL B 279 -15.29 -10.22 0.62
CA VAL B 279 -15.37 -10.21 -0.84
C VAL B 279 -15.54 -11.62 -1.37
N LYS B 280 -14.86 -12.61 -0.75
CA LYS B 280 -15.01 -13.99 -1.22
C LYS B 280 -16.42 -14.51 -1.01
N GLY B 281 -17.02 -14.20 0.15
CA GLY B 281 -18.38 -14.68 0.39
C GLY B 281 -19.38 -14.02 -0.54
N HIS B 282 -19.16 -12.74 -0.82
CA HIS B 282 -20.02 -12.03 -1.76
C HIS B 282 -19.87 -12.60 -3.16
N ALA B 283 -18.62 -12.77 -3.60
CA ALA B 283 -18.35 -13.26 -4.95
C ALA B 283 -18.72 -14.73 -5.15
N LYS B 284 -18.83 -15.51 -4.06
CA LYS B 284 -19.34 -16.88 -4.20
C LYS B 284 -20.71 -16.89 -4.84
N CYS B 285 -21.52 -15.83 -4.62
CA CYS B 285 -22.83 -15.76 -5.27
C CYS B 285 -22.70 -15.70 -6.78
N VAL B 286 -21.73 -14.93 -7.29
CA VAL B 286 -21.50 -14.88 -8.73
C VAL B 286 -21.06 -16.24 -9.25
N GLU B 287 -20.12 -16.89 -8.54
CA GLU B 287 -19.69 -18.21 -8.97
C GLU B 287 -20.87 -19.18 -9.06
N VAL B 288 -21.75 -19.18 -8.06
CA VAL B 288 -22.90 -20.09 -8.08
C VAL B 288 -23.80 -19.81 -9.27
N VAL B 289 -24.15 -18.54 -9.48
CA VAL B 289 -25.05 -18.21 -10.59
C VAL B 289 -24.43 -18.61 -11.92
N LYS B 290 -23.10 -18.44 -12.07
CA LYS B 290 -22.45 -18.80 -13.33
C LYS B 290 -22.56 -20.28 -13.66
N THR B 291 -22.63 -21.15 -12.65
CA THR B 291 -22.61 -22.59 -12.93
C THR B 291 -23.83 -23.03 -13.75
N PHE B 292 -24.86 -22.21 -13.84
CA PHE B 292 -26.06 -22.60 -14.56
C PHE B 292 -26.00 -22.27 -16.05
N ASN B 293 -24.96 -21.55 -16.49
CA ASN B 293 -24.65 -21.36 -17.91
C ASN B 293 -25.77 -20.63 -18.64
N LEU B 294 -26.37 -19.64 -17.98
CA LEU B 294 -27.40 -18.83 -18.62
C LEU B 294 -26.87 -17.44 -18.93
N PRO B 295 -27.35 -16.79 -20.00
CA PRO B 295 -27.02 -15.39 -20.24
C PRO B 295 -27.22 -14.59 -18.97
N LEU B 296 -26.21 -13.78 -18.62
CA LEU B 296 -26.14 -13.19 -17.29
C LEU B 296 -25.77 -11.71 -17.40
N LEU B 297 -26.60 -10.85 -16.83
CA LEU B 297 -26.31 -9.43 -16.69
C LEU B 297 -25.95 -9.16 -15.24
N MET B 298 -24.73 -8.69 -15.00
CA MET B 298 -24.22 -8.42 -13.67
C MET B 298 -24.18 -6.91 -13.45
N LEU B 299 -24.82 -6.46 -12.39
CA LEU B 299 -24.99 -5.03 -12.14
C LEU B 299 -24.43 -4.66 -10.77
N GLY B 300 -24.11 -3.37 -10.60
CA GLY B 300 -23.69 -2.86 -9.31
C GLY B 300 -24.84 -2.72 -8.32
N GLY B 301 -24.75 -1.74 -7.42
CA GLY B 301 -25.74 -1.53 -6.39
C GLY B 301 -25.17 -0.62 -5.31
N GLY B 302 -25.64 -0.81 -4.08
CA GLY B 302 -25.13 -0.04 -2.96
C GLY B 302 -23.67 -0.34 -2.68
N GLY B 303 -23.11 0.39 -1.72
CA GLY B 303 -21.73 0.19 -1.34
C GLY B 303 -21.09 1.51 -0.97
N TYR B 304 -20.68 1.66 0.29
CA TYR B 304 -20.41 2.97 0.86
C TYR B 304 -19.05 3.07 1.52
N THR B 305 -18.32 1.97 1.66
CA THR B 305 -16.89 2.00 1.99
C THR B 305 -16.18 1.75 0.68
N ILE B 306 -15.74 2.82 0.02
CA ILE B 306 -15.54 2.71 -1.42
C ILE B 306 -14.30 1.88 -1.76
N ARG B 307 -13.28 1.83 -0.88
CA ARG B 307 -12.18 0.91 -1.14
C ARG B 307 -12.68 -0.53 -1.21
N ASN B 308 -13.69 -0.90 -0.40
CA ASN B 308 -14.19 -2.27 -0.45
C ASN B 308 -15.11 -2.51 -1.63
N VAL B 309 -15.83 -1.48 -2.09
CA VAL B 309 -16.59 -1.58 -3.33
C VAL B 309 -15.66 -1.91 -4.49
N ALA B 310 -14.55 -1.15 -4.61
CA ALA B 310 -13.61 -1.40 -5.70
C ALA B 310 -13.04 -2.81 -5.64
N ARG B 311 -12.66 -3.28 -4.44
CA ARG B 311 -12.17 -4.66 -4.31
C ARG B 311 -13.23 -5.66 -4.76
N CYS B 312 -14.44 -5.49 -4.28
CA CYS B 312 -15.50 -6.47 -4.51
C CYS B 312 -15.78 -6.60 -6.00
N TRP B 313 -16.00 -5.48 -6.68
CA TRP B 313 -16.40 -5.56 -8.08
C TRP B 313 -15.22 -5.89 -8.99
N THR B 314 -14.00 -5.56 -8.59
CA THR B 314 -12.84 -6.05 -9.32
C THR B 314 -12.76 -7.57 -9.25
N TYR B 315 -12.91 -8.12 -8.05
CA TYR B 315 -12.82 -9.57 -7.92
C TYR B 315 -13.98 -10.25 -8.65
N GLU B 316 -15.18 -9.66 -8.60
CA GLU B 316 -16.32 -10.29 -9.28
C GLU B 316 -16.19 -10.20 -10.80
N THR B 317 -15.47 -9.19 -11.30
CA THR B 317 -15.15 -9.16 -12.73
C THR B 317 -14.20 -10.31 -13.07
N ALA B 318 -13.22 -10.56 -12.22
CA ALA B 318 -12.34 -11.73 -12.42
C ALA B 318 -13.14 -13.03 -12.36
N VAL B 319 -14.08 -13.14 -11.41
CA VAL B 319 -14.93 -14.34 -11.36
C VAL B 319 -15.67 -14.52 -12.67
N ALA B 320 -16.24 -13.43 -13.20
CA ALA B 320 -16.94 -13.52 -14.47
C ALA B 320 -16.03 -14.04 -15.58
N LEU B 321 -14.78 -13.60 -15.57
CA LEU B 321 -13.77 -14.00 -16.56
C LEU B 321 -13.18 -15.38 -16.28
N ASP B 322 -13.59 -16.04 -15.19
CA ASP B 322 -13.10 -17.37 -14.84
C ASP B 322 -11.60 -17.37 -14.60
N CYS B 323 -11.11 -16.36 -13.89
CA CYS B 323 -9.68 -16.33 -13.61
C CYS B 323 -9.45 -15.78 -12.21
N GLU B 324 -8.33 -16.16 -11.64
CA GLU B 324 -7.97 -15.65 -10.34
C GLU B 324 -7.00 -14.49 -10.50
N ILE B 325 -6.99 -13.62 -9.49
CA ILE B 325 -6.06 -12.50 -9.49
C ILE B 325 -5.37 -12.51 -8.13
N PRO B 326 -4.16 -11.99 -8.03
CA PRO B 326 -3.44 -12.08 -6.75
C PRO B 326 -4.05 -11.19 -5.67
N ASN B 327 -3.84 -11.60 -4.42
CA ASN B 327 -4.30 -10.78 -3.31
C ASN B 327 -3.50 -9.49 -3.20
N GLU B 328 -2.25 -9.51 -3.64
CA GLU B 328 -1.40 -8.31 -3.66
C GLU B 328 -1.93 -7.31 -4.66
N LEU B 329 -2.38 -6.14 -4.20
CA LEU B 329 -2.96 -5.18 -5.13
C LEU B 329 -1.88 -4.62 -6.06
N PRO B 330 -2.14 -4.52 -7.36
CA PRO B 330 -1.21 -3.82 -8.24
C PRO B 330 -1.25 -2.32 -7.95
N TYR B 331 -0.17 -1.65 -8.29
CA TYR B 331 -0.19 -0.20 -8.21
C TYR B 331 -1.32 0.34 -9.06
N ASN B 332 -1.96 1.42 -8.59
CA ASN B 332 -3.08 2.01 -9.32
C ASN B 332 -3.23 3.47 -8.89
N ASP B 333 -4.11 4.20 -9.59
CA ASP B 333 -4.25 5.63 -9.32
C ASP B 333 -4.82 5.96 -7.95
N TYR B 334 -5.39 4.98 -7.24
CA TYR B 334 -5.97 5.19 -5.93
C TYR B 334 -5.33 4.28 -4.89
N PHE B 335 -4.06 3.95 -5.09
CA PHE B 335 -3.39 2.93 -4.28
C PHE B 335 -3.49 3.23 -2.78
N GLU B 336 -3.34 4.51 -2.40
CA GLU B 336 -3.37 4.88 -0.98
C GLU B 336 -4.72 4.62 -0.32
N TYR B 337 -5.81 4.50 -1.07
CA TYR B 337 -7.10 4.20 -0.48
C TYR B 337 -7.15 2.81 0.12
N PHE B 338 -6.26 1.91 -0.28
CA PHE B 338 -6.36 0.51 0.11
C PHE B 338 -5.43 0.16 1.26
N GLY B 339 -4.83 1.13 1.91
CA GLY B 339 -4.07 0.87 3.12
C GLY B 339 -5.00 0.36 4.21
N PRO B 340 -4.43 -0.19 5.29
CA PRO B 340 -2.99 -0.33 5.56
C PRO B 340 -2.38 -1.57 4.94
N ASP B 341 -3.20 -2.48 4.42
CA ASP B 341 -2.76 -3.80 3.97
C ASP B 341 -2.45 -3.87 2.48
N PHE B 342 -3.11 -3.06 1.66
CA PHE B 342 -2.95 -3.08 0.20
C PHE B 342 -3.18 -4.48 -0.37
N LYS B 343 -4.21 -5.15 0.17
CA LYS B 343 -4.66 -6.45 -0.29
C LYS B 343 -6.04 -6.33 -0.93
N LEU B 344 -6.33 -7.27 -1.80
CA LEU B 344 -7.63 -7.32 -2.47
C LEU B 344 -8.72 -7.82 -1.51
N HIS B 345 -8.43 -8.85 -0.73
CA HIS B 345 -9.46 -9.49 0.07
C HIS B 345 -9.51 -8.88 1.46
N ILE B 346 -10.69 -8.94 2.08
CA ILE B 346 -10.91 -8.29 3.36
C ILE B 346 -11.24 -9.33 4.42
N SER B 347 -10.91 -9.00 5.67
CA SER B 347 -11.26 -9.91 6.75
CA SER B 347 -11.27 -9.91 6.74
C SER B 347 -12.62 -9.54 7.33
N PRO B 348 -13.36 -10.50 7.89
CA PRO B 348 -14.61 -10.14 8.56
C PRO B 348 -14.29 -9.47 9.89
N SER B 349 -15.29 -8.77 10.43
CA SER B 349 -15.16 -8.12 11.72
C SER B 349 -15.58 -9.07 12.84
N ASN B 350 -15.47 -8.61 14.08
CA ASN B 350 -15.91 -9.38 15.23
C ASN B 350 -17.39 -9.16 15.59
N MET B 351 -18.16 -8.50 14.73
CA MET B 351 -19.57 -8.25 15.05
C MET B 351 -20.32 -9.57 15.22
N THR B 352 -21.32 -9.55 16.09
CA THR B 352 -22.09 -10.76 16.34
C THR B 352 -22.99 -11.07 15.15
N ASN B 353 -23.03 -12.36 14.77
CA ASN B 353 -23.96 -12.83 13.75
C ASN B 353 -25.31 -13.14 14.42
N GLN B 354 -26.28 -12.25 14.23
CA GLN B 354 -27.61 -12.43 14.81
CA GLN B 354 -27.60 -12.45 14.82
C GLN B 354 -28.39 -13.57 14.15
N ASN B 355 -27.92 -14.10 13.02
CA ASN B 355 -28.61 -15.16 12.29
C ASN B 355 -28.15 -16.53 12.80
N THR B 356 -28.98 -17.19 13.59
CA THR B 356 -28.61 -18.52 14.07
C THR B 356 -28.69 -19.55 12.94
N PRO B 357 -27.98 -20.67 13.08
CA PRO B 357 -28.14 -21.75 12.07
C PRO B 357 -29.58 -22.22 11.94
N GLU B 358 -30.31 -22.30 13.06
CA GLU B 358 -31.70 -22.75 13.02
C GLU B 358 -32.58 -21.74 12.30
N TYR B 359 -32.36 -20.45 12.54
CA TYR B 359 -33.08 -19.41 11.82
C TYR B 359 -32.88 -19.56 10.31
N MET B 360 -31.62 -19.69 9.89
CA MET B 360 -31.33 -19.77 8.46
C MET B 360 -32.02 -20.97 7.83
N GLU B 361 -31.94 -22.13 8.49
CA GLU B 361 -32.56 -23.33 7.95
C GLU B 361 -34.07 -23.24 7.95
N LYS B 362 -34.65 -22.65 9.01
CA LYS B 362 -36.10 -22.53 9.06
C LYS B 362 -36.63 -21.63 7.95
N ILE B 363 -35.97 -20.50 7.71
CA ILE B 363 -36.41 -19.62 6.62
C ILE B 363 -36.24 -20.32 5.28
N LYS B 364 -35.08 -20.96 5.07
CA LYS B 364 -34.89 -21.73 3.83
C LYS B 364 -36.01 -22.73 3.60
N GLN B 365 -36.42 -23.44 4.65
CA GLN B 365 -37.47 -24.44 4.47
C GLN B 365 -38.81 -23.79 4.16
N ARG B 366 -39.11 -22.63 4.76
CA ARG B 366 -40.34 -21.95 4.40
C ARG B 366 -40.32 -21.50 2.94
N LEU B 367 -39.17 -21.03 2.46
CA LEU B 367 -39.07 -20.65 1.05
C LEU B 367 -39.14 -21.86 0.14
N PHE B 368 -38.54 -22.98 0.55
CA PHE B 368 -38.68 -24.20 -0.25
C PHE B 368 -40.14 -24.63 -0.35
N GLU B 369 -40.93 -24.39 0.68
CA GLU B 369 -42.35 -24.74 0.60
C GLU B 369 -43.08 -23.88 -0.43
N ASN B 370 -42.67 -22.61 -0.58
CA ASN B 370 -43.26 -21.77 -1.62
C ASN B 370 -42.78 -22.18 -3.00
N LEU B 371 -41.52 -22.57 -3.13
CA LEU B 371 -41.02 -22.92 -4.46
C LEU B 371 -41.66 -24.21 -4.97
N ARG B 372 -42.06 -25.09 -4.06
CA ARG B 372 -42.74 -26.32 -4.45
C ARG B 372 -44.14 -26.06 -5.01
N MET B 373 -44.69 -24.87 -4.76
CA MET B 373 -45.99 -24.49 -5.34
C MET B 373 -45.90 -24.12 -6.81
N LEU B 374 -44.70 -23.99 -7.38
CA LEU B 374 -44.58 -23.80 -8.82
C LEU B 374 -44.93 -25.09 -9.57
N PRO B 375 -45.31 -24.99 -10.85
CA PRO B 375 -45.58 -26.16 -11.70
C PRO B 375 -44.53 -27.27 -11.61
N LYS C 10 -5.08 -20.70 35.53
CA LYS C 10 -4.99 -20.20 34.15
C LYS C 10 -4.86 -21.34 33.15
N LYS C 11 -5.66 -21.27 32.08
CA LYS C 11 -5.72 -22.33 31.08
C LYS C 11 -4.66 -22.10 30.01
N VAL C 12 -3.92 -23.16 29.69
CA VAL C 12 -2.84 -23.13 28.70
C VAL C 12 -3.17 -24.15 27.61
N CYS C 13 -3.23 -23.67 26.38
CA CYS C 13 -3.31 -24.53 25.20
C CYS C 13 -1.96 -24.52 24.47
N TYR C 14 -1.54 -25.67 23.99
CA TYR C 14 -0.16 -25.88 23.54
C TYR C 14 -0.22 -26.57 22.17
N TYR C 15 0.54 -26.05 21.21
CA TYR C 15 0.42 -26.47 19.82
C TYR C 15 1.69 -27.18 19.37
N TYR C 16 1.52 -28.35 18.77
CA TYR C 16 2.66 -29.16 18.37
C TYR C 16 2.22 -30.14 17.28
N ASP C 17 3.06 -30.30 16.26
CA ASP C 17 2.88 -31.33 15.24
C ASP C 17 4.14 -32.18 15.21
N GLY C 18 3.97 -33.49 15.40
CA GLY C 18 5.10 -34.41 15.49
C GLY C 18 5.99 -34.45 14.26
N ASP C 19 5.51 -33.94 13.12
CA ASP C 19 6.33 -33.89 11.92
C ASP C 19 7.35 -32.75 11.93
N ILE C 20 7.20 -31.77 12.83
CA ILE C 20 8.05 -30.58 12.78
C ILE C 20 9.52 -30.96 12.88
N GLY C 21 9.85 -31.99 13.66
CA GLY C 21 11.23 -32.35 13.89
C GLY C 21 11.90 -33.06 12.73
N ASN C 22 11.16 -33.39 11.68
CA ASN C 22 11.70 -34.15 10.56
C ASN C 22 12.26 -33.28 9.44
N TYR C 23 12.05 -31.97 9.48
CA TYR C 23 12.57 -31.11 8.44
C TYR C 23 14.03 -30.76 8.70
N TYR C 24 14.82 -30.69 7.63
CA TYR C 24 16.26 -30.59 7.72
C TYR C 24 16.75 -29.48 6.81
N TYR C 25 17.40 -28.46 7.38
CA TYR C 25 17.92 -27.35 6.61
C TYR C 25 19.12 -27.70 5.74
N GLY C 26 19.78 -28.84 5.97
CA GLY C 26 20.98 -29.15 5.21
C GLY C 26 22.20 -29.29 6.10
N GLN C 27 23.28 -29.87 5.59
CA GLN C 27 24.44 -30.10 6.45
C GLN C 27 25.13 -28.79 6.78
N GLY C 28 25.51 -28.63 8.04
CA GLY C 28 26.18 -27.44 8.49
C GLY C 28 25.28 -26.28 8.86
N HIS C 29 23.96 -26.40 8.65
CA HIS C 29 23.10 -25.26 8.97
C HIS C 29 22.71 -25.30 10.45
N PRO C 30 22.85 -24.19 11.18
CA PRO C 30 22.63 -24.24 12.64
C PRO C 30 21.18 -24.37 13.04
N MET C 31 20.22 -24.06 12.18
CA MET C 31 18.82 -24.22 12.55
C MET C 31 18.45 -25.69 12.48
N LYS C 32 18.08 -26.27 13.63
CA LYS C 32 17.75 -27.70 13.74
C LYS C 32 16.32 -27.85 14.20
N PRO C 33 15.35 -28.02 13.29
CA PRO C 33 13.95 -28.16 13.73
C PRO C 33 13.71 -29.28 14.73
N HIS C 34 14.59 -30.29 14.79
CA HIS C 34 14.34 -31.34 15.76
CA HIS C 34 14.47 -31.37 15.77
C HIS C 34 14.51 -30.85 17.20
N ARG C 35 15.04 -29.65 17.42
CA ARG C 35 15.05 -29.07 18.76
C ARG C 35 13.63 -28.90 19.30
N ILE C 36 12.64 -28.75 18.41
CA ILE C 36 11.26 -28.66 18.86
C ILE C 36 10.76 -30.01 19.37
N ARG C 37 11.21 -31.10 18.74
CA ARG C 37 10.83 -32.43 19.23
C ARG C 37 11.50 -32.71 20.58
N MET C 38 12.76 -32.27 20.75
CA MET C 38 13.44 -32.42 22.03
C MET C 38 12.71 -31.69 23.14
N THR C 39 12.31 -30.44 22.88
CA THR C 39 11.53 -29.66 23.83
C THR C 39 10.25 -30.41 24.22
N HIS C 40 9.50 -30.85 23.21
CA HIS C 40 8.24 -31.55 23.44
C HIS C 40 8.45 -32.80 24.30
N ASN C 41 9.48 -33.58 23.96
CA ASN C 41 9.72 -34.83 24.67
C ASN C 41 10.13 -34.56 26.11
N LEU C 42 10.95 -33.54 26.33
CA LEU C 42 11.40 -33.22 27.68
C LEU C 42 10.24 -32.80 28.56
N LEU C 43 9.39 -31.90 28.08
CA LEU C 43 8.29 -31.44 28.91
C LEU C 43 7.20 -32.50 29.04
N LEU C 44 7.06 -33.39 28.06
CA LEU C 44 6.14 -34.51 28.23
C LEU C 44 6.56 -35.40 29.41
N ASN C 45 7.87 -35.60 29.57
CA ASN C 45 8.36 -36.47 30.62
C ASN C 45 8.38 -35.80 32.00
N TYR C 46 8.36 -34.47 32.04
CA TYR C 46 8.06 -33.76 33.28
C TYR C 46 6.59 -33.86 33.68
N GLY C 47 5.73 -34.36 32.79
CA GLY C 47 4.33 -34.53 33.10
C GLY C 47 3.46 -33.32 32.84
N LEU C 48 3.98 -32.29 32.17
CA LEU C 48 3.22 -31.05 31.98
C LEU C 48 2.02 -31.25 31.07
N TYR C 49 1.98 -32.33 30.28
CA TYR C 49 0.81 -32.63 29.47
C TYR C 49 -0.43 -32.85 30.33
N ARG C 50 -0.25 -33.27 31.58
CA ARG C 50 -1.39 -33.50 32.46
C ARG C 50 -2.12 -32.21 32.81
N LYS C 51 -1.52 -31.05 32.52
CA LYS C 51 -2.03 -29.78 32.98
C LYS C 51 -2.34 -28.79 31.88
N MET C 52 -2.22 -29.17 30.61
CA MET C 52 -2.55 -28.25 29.53
C MET C 52 -3.13 -29.02 28.37
N GLU C 53 -3.95 -28.34 27.56
CA GLU C 53 -4.53 -28.96 26.38
C GLU C 53 -3.53 -28.90 25.24
N ILE C 54 -3.26 -30.05 24.63
CA ILE C 54 -2.28 -30.16 23.56
C ILE C 54 -3.04 -30.39 22.26
N TYR C 55 -2.74 -29.57 21.26
CA TYR C 55 -3.42 -29.59 19.97
C TYR C 55 -2.42 -29.79 18.84
N ARG C 56 -2.85 -30.52 17.82
CA ARG C 56 -2.10 -30.61 16.56
C ARG C 56 -2.64 -29.52 15.65
N PRO C 57 -1.84 -28.51 15.29
CA PRO C 57 -2.40 -27.38 14.55
C PRO C 57 -2.70 -27.74 13.10
N HIS C 58 -3.75 -27.13 12.56
CA HIS C 58 -3.97 -27.19 11.12
C HIS C 58 -2.86 -26.45 10.39
N LYS C 59 -2.43 -27.00 9.26
CA LYS C 59 -1.48 -26.31 8.40
C LYS C 59 -2.10 -25.02 7.89
N ALA C 60 -1.34 -23.93 7.96
CA ALA C 60 -1.78 -22.69 7.37
C ALA C 60 -1.81 -22.82 5.85
N THR C 61 -2.89 -22.34 5.23
CA THR C 61 -2.97 -22.38 3.77
C THR C 61 -2.11 -21.29 3.13
N ALA C 62 -1.75 -21.51 1.86
CA ALA C 62 -1.09 -20.47 1.09
C ALA C 62 -1.92 -19.19 1.06
N GLU C 63 -3.24 -19.31 0.94
CA GLU C 63 -4.10 -18.13 0.93
C GLU C 63 -3.97 -17.38 2.25
N GLU C 64 -3.97 -18.10 3.37
CA GLU C 64 -3.79 -17.47 4.67
C GLU C 64 -2.47 -16.70 4.73
N MET C 65 -1.40 -17.26 4.16
CA MET C 65 -0.12 -16.56 4.21
C MET C 65 -0.14 -15.26 3.43
N THR C 66 -0.90 -15.20 2.32
CA THR C 66 -0.97 -13.97 1.53
C THR C 66 -1.81 -12.88 2.18
N LYS C 67 -2.33 -13.11 3.39
CA LYS C 67 -2.87 -11.99 4.16
C LYS C 67 -1.79 -10.95 4.43
N TYR C 68 -0.53 -11.38 4.46
CA TYR C 68 0.60 -10.49 4.65
C TYR C 68 1.61 -10.60 3.52
N HIS C 69 2.07 -11.81 3.20
CA HIS C 69 3.10 -11.99 2.19
C HIS C 69 2.54 -11.81 0.79
N SER C 70 3.42 -11.46 -0.14
CA SER C 70 2.96 -11.28 -1.52
C SER C 70 2.69 -12.63 -2.17
N ASP C 71 1.77 -12.62 -3.14
CA ASP C 71 1.43 -13.85 -3.86
C ASP C 71 2.63 -14.45 -4.56
N GLU C 72 3.43 -13.61 -5.23
CA GLU C 72 4.59 -14.09 -5.97
C GLU C 72 5.57 -14.81 -5.05
N TYR C 73 5.77 -14.26 -3.85
CA TYR C 73 6.70 -14.89 -2.90
C TYR C 73 6.16 -16.23 -2.40
N ILE C 74 4.87 -16.27 -2.02
CA ILE C 74 4.31 -17.53 -1.51
C ILE C 74 4.24 -18.57 -2.62
N LYS C 75 3.88 -18.14 -3.83
CA LYS C 75 3.91 -19.04 -4.99
C LYS C 75 5.30 -19.61 -5.20
N PHE C 76 6.33 -18.77 -5.06
CA PHE C 76 7.71 -19.24 -5.15
C PHE C 76 8.03 -20.27 -4.07
N LEU C 77 7.65 -19.98 -2.81
CA LEU C 77 7.91 -20.94 -1.74
C LEU C 77 7.20 -22.27 -1.96
N ARG C 78 6.02 -22.24 -2.56
CA ARG C 78 5.26 -23.46 -2.83
C ARG C 78 5.84 -24.26 -3.99
N SER C 79 6.61 -23.61 -4.86
CA SER C 79 7.11 -24.20 -6.11
C SER C 79 8.56 -24.64 -6.04
N ILE C 80 9.41 -23.95 -5.28
CA ILE C 80 10.84 -24.21 -5.34
C ILE C 80 11.17 -25.55 -4.68
N ARG C 81 12.08 -26.30 -5.30
CA ARG C 81 12.52 -27.61 -4.86
C ARG C 81 14.03 -27.69 -5.08
N PRO C 82 14.73 -28.54 -4.32
CA PRO C 82 16.18 -28.66 -4.54
C PRO C 82 16.55 -28.98 -5.98
N ASP C 83 15.69 -29.69 -6.72
CA ASP C 83 16.06 -30.16 -8.05
C ASP C 83 15.62 -29.23 -9.18
N ASN C 84 14.92 -28.13 -8.89
CA ASN C 84 14.54 -27.19 -9.94
C ASN C 84 15.12 -25.80 -9.72
N MET C 85 16.09 -25.66 -8.82
CA MET C 85 16.63 -24.35 -8.49
C MET C 85 17.21 -23.63 -9.71
N SER C 86 17.76 -24.38 -10.66
CA SER C 86 18.33 -23.76 -11.86
C SER C 86 17.30 -22.94 -12.61
N GLU C 87 16.03 -23.34 -12.56
CA GLU C 87 14.98 -22.60 -13.25
C GLU C 87 14.60 -21.30 -12.54
N TYR C 88 14.94 -21.15 -11.25
CA TYR C 88 14.41 -20.07 -10.43
C TYR C 88 15.49 -19.12 -9.91
N SER C 89 16.62 -18.99 -10.63
CA SER C 89 17.75 -18.24 -10.09
C SER C 89 17.41 -16.76 -9.90
N LYS C 90 16.60 -16.18 -10.80
CA LYS C 90 16.19 -14.80 -10.62
C LYS C 90 15.26 -14.65 -9.43
N GLN C 91 14.34 -15.58 -9.26
CA GLN C 91 13.41 -15.53 -8.13
CA GLN C 91 13.42 -15.52 -8.13
C GLN C 91 14.15 -15.77 -6.81
N MET C 92 15.15 -16.65 -6.82
CA MET C 92 15.91 -16.89 -5.59
C MET C 92 16.64 -15.63 -5.15
N GLN C 93 17.18 -14.86 -6.09
CA GLN C 93 17.78 -13.58 -5.73
C GLN C 93 16.73 -12.58 -5.26
N ARG C 94 15.60 -12.50 -5.97
CA ARG C 94 14.56 -11.56 -5.58
C ARG C 94 14.05 -11.83 -4.16
N PHE C 95 13.89 -13.10 -3.80
CA PHE C 95 13.25 -13.47 -2.54
C PHE C 95 14.25 -13.89 -1.47
N ASN C 96 15.56 -13.80 -1.77
CA ASN C 96 16.64 -14.08 -0.81
C ASN C 96 16.62 -15.53 -0.31
N VAL C 97 16.37 -16.47 -1.22
CA VAL C 97 16.31 -17.88 -0.88
C VAL C 97 17.44 -18.60 -1.60
N GLY C 98 18.12 -19.50 -0.88
CA GLY C 98 19.20 -20.27 -1.47
C GLY C 98 20.48 -20.30 -0.67
N GLU C 99 20.69 -19.30 0.19
CA GLU C 99 21.92 -19.23 0.99
C GLU C 99 21.64 -19.54 2.45
N ASP C 100 21.62 -18.50 3.31
CA ASP C 100 21.29 -18.71 4.71
C ASP C 100 19.86 -19.19 4.90
N CYS C 101 18.99 -18.95 3.92
CA CYS C 101 17.65 -19.49 3.90
C CYS C 101 17.59 -20.50 2.76
N PRO C 102 18.03 -21.74 3.00
CA PRO C 102 18.19 -22.68 1.89
C PRO C 102 16.87 -23.24 1.38
N VAL C 103 16.94 -23.82 0.19
CA VAL C 103 15.88 -24.68 -0.32
C VAL C 103 16.12 -26.08 0.22
N PHE C 104 15.11 -26.65 0.89
CA PHE C 104 15.20 -28.03 1.35
C PHE C 104 13.85 -28.73 1.13
N ASP C 105 13.88 -30.06 1.17
CA ASP C 105 12.68 -30.86 0.97
C ASP C 105 11.63 -30.51 2.02
N GLY C 106 10.41 -30.26 1.55
CA GLY C 106 9.32 -29.94 2.46
C GLY C 106 9.33 -28.52 3.00
N LEU C 107 10.11 -27.62 2.40
CA LEU C 107 10.17 -26.23 2.83
C LEU C 107 8.77 -25.64 3.05
N PHE C 108 7.87 -25.78 2.07
CA PHE C 108 6.58 -25.13 2.19
C PHE C 108 5.75 -25.72 3.33
N GLU C 109 5.76 -27.04 3.47
CA GLU C 109 5.00 -27.66 4.55
C GLU C 109 5.56 -27.25 5.91
N PHE C 110 6.87 -27.10 6.00
CA PHE C 110 7.49 -26.57 7.22
C PHE C 110 6.90 -25.20 7.58
N CYS C 111 6.86 -24.29 6.60
CA CYS C 111 6.21 -23.00 6.79
C CYS C 111 4.76 -23.15 7.25
N GLN C 112 4.01 -24.09 6.65
CA GLN C 112 2.61 -24.25 7.02
C GLN C 112 2.45 -24.70 8.46
N LEU C 113 3.37 -25.51 8.96
CA LEU C 113 3.25 -26.07 10.31
C LEU C 113 3.60 -25.04 11.37
N SER C 114 4.73 -24.35 11.22
CA SER C 114 5.08 -23.31 12.18
C SER C 114 4.03 -22.20 12.21
N THR C 115 3.55 -21.78 11.04
CA THR C 115 2.54 -20.73 10.98
C THR C 115 1.20 -21.20 11.54
N GLY C 116 0.78 -22.42 11.19
CA GLY C 116 -0.50 -22.91 11.65
C GLY C 116 -0.62 -22.90 13.16
N GLY C 117 0.46 -23.23 13.87
CA GLY C 117 0.43 -23.21 15.32
C GLY C 117 0.17 -21.82 15.89
N SER C 118 0.81 -20.80 15.32
CA SER C 118 0.65 -19.45 15.84
C SER C 118 -0.75 -18.90 15.55
N VAL C 119 -1.25 -19.09 14.33
CA VAL C 119 -2.58 -18.60 14.02
C VAL C 119 -3.64 -19.35 14.84
N ALA C 120 -3.49 -20.67 15.00
CA ALA C 120 -4.47 -21.43 15.78
C ALA C 120 -4.50 -20.96 17.22
N GLY C 121 -3.33 -20.67 17.80
CA GLY C 121 -3.29 -20.09 19.13
C GLY C 121 -3.98 -18.74 19.21
N ALA C 122 -3.79 -17.90 18.18
CA ALA C 122 -4.45 -16.60 18.17
C ALA C 122 -5.97 -16.77 18.11
N VAL C 123 -6.44 -17.70 17.28
CA VAL C 123 -7.88 -17.96 17.19
C VAL C 123 -8.42 -18.45 18.53
N LYS C 124 -7.65 -19.30 19.21
CA LYS C 124 -8.09 -19.81 20.51
C LYS C 124 -8.22 -18.68 21.52
N LEU C 125 -7.28 -17.74 21.50
CA LEU C 125 -7.38 -16.57 22.37
C LEU C 125 -8.54 -15.66 21.95
N ASN C 126 -8.73 -15.47 20.65
CA ASN C 126 -9.85 -14.64 20.17
C ASN C 126 -11.19 -15.19 20.66
N ARG C 127 -11.33 -16.51 20.67
CA ARG C 127 -12.56 -17.15 21.11
C ARG C 127 -12.70 -17.22 22.63
N GLN C 128 -11.71 -16.70 23.37
CA GLN C 128 -11.73 -16.70 24.83
C GLN C 128 -11.86 -18.12 25.39
N GLN C 129 -11.24 -19.08 24.71
CA GLN C 129 -11.23 -20.46 25.14
C GLN C 129 -9.91 -20.85 25.81
N THR C 130 -9.02 -19.89 26.04
CA THR C 130 -7.78 -20.13 26.75
C THR C 130 -7.23 -18.79 27.21
N ASP C 131 -6.38 -18.85 28.23
CA ASP C 131 -5.69 -17.65 28.69
C ASP C 131 -4.34 -17.49 28.04
N MET C 132 -3.69 -18.62 27.75
CA MET C 132 -2.36 -18.67 27.13
C MET C 132 -2.39 -19.71 26.03
N ALA C 133 -1.74 -19.39 24.92
CA ALA C 133 -1.48 -20.33 23.85
C ALA C 133 0.02 -20.36 23.59
N VAL C 134 0.56 -21.55 23.34
CA VAL C 134 1.99 -21.74 23.18
C VAL C 134 2.26 -22.45 21.86
N ASN C 135 3.18 -21.91 21.06
CA ASN C 135 3.65 -22.55 19.83
C ASN C 135 5.16 -22.38 19.75
N TRP C 136 5.92 -23.36 20.27
CA TRP C 136 7.37 -23.23 20.27
C TRP C 136 7.97 -23.36 18.88
N ALA C 137 7.23 -23.88 17.90
CA ALA C 137 7.71 -23.97 16.54
C ALA C 137 7.68 -22.63 15.81
N GLY C 138 7.00 -21.63 16.35
CA GLY C 138 6.89 -20.32 15.71
C GLY C 138 7.93 -19.33 16.19
N GLY C 139 7.61 -18.05 16.00
CA GLY C 139 8.52 -16.97 16.34
C GLY C 139 9.47 -16.53 15.23
N LEU C 140 9.05 -16.67 13.97
CA LEU C 140 9.96 -16.44 12.83
C LEU C 140 9.98 -14.96 12.46
N HIS C 141 10.63 -14.17 13.32
CA HIS C 141 10.40 -12.72 13.29
C HIS C 141 11.16 -12.00 12.19
N HIS C 142 12.05 -12.67 11.43
CA HIS C 142 12.81 -12.00 10.37
C HIS C 142 12.11 -11.99 9.01
N ALA C 143 11.13 -12.87 8.79
CA ALA C 143 10.52 -12.96 7.48
C ALA C 143 9.80 -11.67 7.11
N LYS C 144 9.95 -11.25 5.85
CA LYS C 144 9.38 -10.02 5.32
C LYS C 144 8.28 -10.35 4.30
N LYS C 145 7.64 -9.30 3.79
CA LYS C 145 6.50 -9.48 2.88
C LYS C 145 6.87 -10.32 1.67
N SER C 146 8.02 -10.04 1.05
CA SER C 146 8.46 -10.73 -0.16
CA SER C 146 8.45 -10.74 -0.15
C SER C 146 9.91 -11.14 -0.06
N GLU C 147 10.37 -11.51 1.13
CA GLU C 147 11.78 -11.83 1.30
C GLU C 147 11.94 -12.79 2.47
N ALA C 148 12.68 -13.87 2.25
CA ALA C 148 13.15 -14.67 3.37
C ALA C 148 14.37 -14.02 3.99
N SER C 149 14.61 -14.33 5.27
CA SER C 149 15.69 -13.65 5.97
C SER C 149 16.02 -14.38 7.25
N GLY C 150 17.32 -14.52 7.54
CA GLY C 150 17.74 -15.10 8.81
C GLY C 150 17.09 -16.42 9.19
N PHE C 151 16.98 -17.35 8.24
CA PHE C 151 16.45 -18.71 8.41
C PHE C 151 14.93 -18.71 8.44
N CYS C 152 14.27 -17.56 8.30
CA CYS C 152 12.81 -17.44 8.36
C CYS C 152 12.26 -17.23 6.96
N TYR C 153 11.15 -17.92 6.64
CA TYR C 153 10.51 -17.72 5.34
C TYR C 153 9.13 -17.08 5.44
N VAL C 154 8.31 -17.51 6.41
CA VAL C 154 6.95 -17.00 6.56
C VAL C 154 6.82 -16.45 7.97
N ASN C 155 6.31 -15.23 8.08
CA ASN C 155 6.28 -14.56 9.38
C ASN C 155 4.99 -14.95 10.12
N ASP C 156 5.08 -16.04 10.88
CA ASP C 156 3.94 -16.53 11.64
C ASP C 156 3.45 -15.49 12.65
N ILE C 157 4.38 -14.69 13.20
CA ILE C 157 4.01 -13.72 14.23
C ILE C 157 3.06 -12.68 13.65
N VAL C 158 3.46 -12.09 12.52
CA VAL C 158 2.63 -11.07 11.88
C VAL C 158 1.25 -11.63 11.56
N LEU C 159 1.21 -12.86 11.07
CA LEU C 159 -0.07 -13.46 10.71
C LEU C 159 -0.93 -13.72 11.96
N ALA C 160 -0.30 -14.15 13.06
CA ALA C 160 -1.05 -14.36 14.29
C ALA C 160 -1.55 -13.03 14.86
N ILE C 161 -0.75 -11.98 14.75
CA ILE C 161 -1.16 -10.67 15.26
C ILE C 161 -2.31 -10.12 14.42
N LEU C 162 -2.26 -10.28 13.09
CA LEU C 162 -3.39 -9.84 12.27
C LEU C 162 -4.68 -10.55 12.68
N GLU C 163 -4.59 -11.83 13.05
CA GLU C 163 -5.77 -12.53 13.55
C GLU C 163 -6.25 -11.94 14.87
N LEU C 164 -5.30 -11.67 15.79
CA LEU C 164 -5.66 -11.08 17.08
C LEU C 164 -6.32 -9.71 16.90
N LEU C 165 -5.89 -8.94 15.92
CA LEU C 165 -6.42 -7.59 15.72
C LEU C 165 -7.89 -7.60 15.28
N LYS C 166 -8.45 -8.73 14.89
CA LYS C 166 -9.88 -8.78 14.61
C LYS C 166 -10.71 -8.62 15.88
N TYR C 167 -10.15 -9.00 17.02
CA TYR C 167 -10.87 -8.98 18.30
C TYR C 167 -10.25 -8.07 19.34
N HIS C 168 -9.01 -7.62 19.15
CA HIS C 168 -8.30 -6.82 20.13
C HIS C 168 -7.91 -5.49 19.50
N GLN C 169 -8.28 -4.39 20.18
CA GLN C 169 -7.97 -3.08 19.65
C GLN C 169 -6.47 -2.81 19.65
N ARG C 170 -5.76 -3.22 20.71
CA ARG C 170 -4.33 -2.97 20.86
C ARG C 170 -3.64 -4.27 21.25
N VAL C 171 -2.57 -4.61 20.54
CA VAL C 171 -1.79 -5.80 20.78
C VAL C 171 -0.35 -5.38 21.05
N LEU C 172 0.24 -5.95 22.09
CA LEU C 172 1.63 -5.67 22.45
C LEU C 172 2.48 -6.87 22.06
N TYR C 173 3.57 -6.60 21.35
CA TYR C 173 4.53 -7.60 20.93
C TYR C 173 5.84 -7.38 21.68
N ILE C 174 6.34 -8.41 22.36
CA ILE C 174 7.60 -8.35 23.10
C ILE C 174 8.53 -9.44 22.56
N ASP C 175 9.79 -9.09 22.37
CA ASP C 175 10.76 -9.92 21.64
C ASP C 175 12.05 -10.01 22.44
N ILE C 176 12.35 -11.18 23.01
CA ILE C 176 13.57 -11.36 23.80
C ILE C 176 14.58 -12.27 23.10
N ASP C 177 14.30 -12.63 21.85
CA ASP C 177 15.33 -13.13 20.95
C ASP C 177 16.56 -12.21 20.99
N ILE C 178 17.75 -12.78 20.76
CA ILE C 178 18.93 -11.92 20.76
C ILE C 178 18.95 -10.97 19.57
N HIS C 179 18.21 -11.28 18.50
CA HIS C 179 18.20 -10.45 17.31
C HIS C 179 17.00 -9.52 17.31
N HIS C 180 17.13 -8.42 16.58
CA HIS C 180 16.04 -7.48 16.41
C HIS C 180 14.88 -8.12 15.65
N GLY C 181 13.67 -8.01 16.19
CA GLY C 181 12.49 -8.52 15.52
C GLY C 181 12.06 -7.63 14.37
N ASP C 182 12.87 -7.60 13.31
CA ASP C 182 12.71 -6.57 12.29
C ASP C 182 11.50 -6.81 11.40
N GLY C 183 11.19 -8.07 11.11
CA GLY C 183 10.03 -8.36 10.24
C GLY C 183 8.72 -7.97 10.90
N VAL C 184 8.63 -8.16 12.22
CA VAL C 184 7.42 -7.76 12.93
C VAL C 184 7.35 -6.25 13.07
N GLU C 185 8.47 -5.62 13.45
CA GLU C 185 8.47 -4.17 13.56
C GLU C 185 8.12 -3.51 12.23
N GLU C 186 8.66 -4.01 11.13
CA GLU C 186 8.36 -3.41 9.83
C GLU C 186 6.87 -3.51 9.50
N ALA C 187 6.28 -4.68 9.78
CA ALA C 187 4.87 -4.90 9.47
C ALA C 187 3.98 -3.87 10.18
N PHE C 188 4.33 -3.52 11.41
CA PHE C 188 3.46 -2.66 12.21
C PHE C 188 4.10 -1.30 12.49
N TYR C 189 5.07 -0.90 11.68
CA TYR C 189 5.82 0.32 11.96
C TYR C 189 4.94 1.58 11.95
N THR C 190 3.87 1.59 11.16
CA THR C 190 3.04 2.79 11.04
C THR C 190 1.68 2.65 11.69
N THR C 191 1.48 1.69 12.59
CA THR C 191 0.21 1.60 13.29
C THR C 191 0.41 1.70 14.79
N ASP C 192 -0.56 2.34 15.44
CA ASP C 192 -0.59 2.34 16.89
C ASP C 192 -1.41 1.18 17.46
N ARG C 193 -1.94 0.31 16.62
CA ARG C 193 -2.69 -0.85 17.11
C ARG C 193 -1.80 -2.03 17.46
N VAL C 194 -0.52 -1.98 17.10
CA VAL C 194 0.46 -2.95 17.57
C VAL C 194 1.67 -2.17 18.03
N MET C 195 2.08 -2.38 19.28
CA MET C 195 3.31 -1.82 19.79
C MET C 195 4.35 -2.92 19.81
N THR C 196 5.52 -2.67 19.23
CA THR C 196 6.58 -3.67 19.22
C THR C 196 7.69 -3.21 20.15
N VAL C 197 8.19 -4.14 20.96
CA VAL C 197 9.25 -3.87 21.95
C VAL C 197 10.27 -4.98 21.77
N SER C 198 11.46 -4.63 21.29
CA SER C 198 12.50 -5.62 21.05
C SER C 198 13.75 -5.29 21.88
N PHE C 199 14.28 -6.30 22.54
CA PHE C 199 15.57 -6.26 23.21
C PHE C 199 16.54 -7.13 22.42
N HIS C 200 17.70 -6.56 22.06
CA HIS C 200 18.53 -7.28 21.10
C HIS C 200 19.95 -6.75 21.08
N LYS C 201 20.87 -7.64 20.72
CA LYS C 201 22.22 -7.23 20.37
C LYS C 201 22.20 -6.30 19.17
N TYR C 202 22.97 -5.21 19.26
CA TYR C 202 23.01 -4.21 18.20
C TYR C 202 24.44 -3.74 17.94
N GLY C 203 24.78 -3.57 16.67
CA GLY C 203 26.10 -3.10 16.29
C GLY C 203 26.91 -4.19 15.63
N GLU C 204 27.13 -4.05 14.32
CA GLU C 204 27.83 -5.06 13.52
C GLU C 204 27.23 -6.44 13.78
N TYR C 205 25.91 -6.52 13.68
CA TYR C 205 25.21 -7.74 14.05
C TYR C 205 23.92 -7.84 13.24
N PHE C 206 23.56 -9.07 12.88
CA PHE C 206 22.34 -9.30 12.12
C PHE C 206 21.12 -8.87 12.95
N PRO C 207 20.09 -8.28 12.32
CA PRO C 207 19.96 -7.92 10.89
C PRO C 207 20.45 -6.52 10.57
N GLY C 208 20.90 -5.76 11.57
CA GLY C 208 21.42 -4.43 11.32
C GLY C 208 20.48 -3.30 11.66
N THR C 209 19.26 -3.60 12.09
CA THR C 209 18.24 -2.62 12.43
C THR C 209 17.97 -2.65 13.94
N GLY C 210 16.95 -1.92 14.37
CA GLY C 210 16.62 -1.88 15.77
C GLY C 210 17.40 -0.84 16.55
N ASP C 211 17.76 0.26 15.89
CA ASP C 211 18.41 1.39 16.54
C ASP C 211 17.49 2.00 17.59
N LEU C 212 18.10 2.54 18.65
CA LEU C 212 17.37 3.31 19.65
C LEU C 212 16.46 4.37 19.02
N ARG C 213 16.92 4.99 17.92
CA ARG C 213 16.23 6.07 17.22
C ARG C 213 15.00 5.61 16.43
N ASP C 214 14.83 4.30 16.21
CA ASP C 214 13.73 3.80 15.38
C ASP C 214 12.50 3.63 16.27
N ILE C 215 11.60 4.61 16.23
CA ILE C 215 10.47 4.64 17.14
C ILE C 215 9.12 4.54 16.41
N GLY C 216 9.12 4.22 15.13
CA GLY C 216 7.86 4.16 14.38
C GLY C 216 7.64 5.40 13.54
N ALA C 217 6.54 5.39 12.79
CA ALA C 217 6.25 6.53 11.90
C ALA C 217 4.74 6.68 11.74
N GLY C 218 4.33 7.88 11.34
CA GLY C 218 2.91 8.12 11.17
C GLY C 218 2.19 7.91 12.49
N LYS C 219 1.01 7.28 12.41
CA LYS C 219 0.26 6.95 13.61
C LYS C 219 1.02 6.02 14.55
N GLY C 220 2.00 5.28 14.04
CA GLY C 220 2.81 4.41 14.84
C GLY C 220 4.02 5.07 15.47
N LYS C 221 4.19 6.38 15.32
CA LYS C 221 5.31 7.05 15.96
C LYS C 221 5.18 6.94 17.48
N TYR C 222 6.25 6.46 18.11
CA TYR C 222 6.39 6.11 19.53
C TYR C 222 5.78 4.75 19.87
N TYR C 223 5.29 3.98 18.88
CA TYR C 223 4.78 2.64 19.14
C TYR C 223 5.73 1.54 18.69
N ALA C 224 6.98 1.89 18.37
CA ALA C 224 8.05 0.91 18.23
C ALA C 224 9.12 1.26 19.26
N VAL C 225 9.57 0.25 20.00
CA VAL C 225 10.52 0.42 21.10
C VAL C 225 11.68 -0.53 20.88
N ASN C 226 12.90 0.00 20.89
CA ASN C 226 14.10 -0.80 20.69
C ASN C 226 15.10 -0.52 21.80
N PHE C 227 15.62 -1.59 22.39
CA PHE C 227 16.66 -1.52 23.42
C PHE C 227 17.90 -2.22 22.85
N PRO C 228 18.79 -1.48 22.20
CA PRO C 228 20.01 -2.08 21.66
C PRO C 228 21.00 -2.42 22.78
N MET C 229 21.66 -3.58 22.64
CA MET C 229 22.53 -4.09 23.70
C MET C 229 23.88 -4.50 23.11
N ARG C 230 24.89 -4.60 23.99
CA ARG C 230 26.20 -5.10 23.63
C ARG C 230 26.35 -6.55 24.11
N ASP C 231 27.50 -7.14 23.80
CA ASP C 231 27.81 -8.51 24.20
C ASP C 231 27.69 -8.70 25.71
N GLY C 232 27.24 -9.89 26.10
CA GLY C 232 27.47 -10.39 27.44
C GLY C 232 26.49 -9.98 28.52
N ILE C 233 25.32 -9.46 28.13
CA ILE C 233 24.33 -9.08 29.13
C ILE C 233 23.96 -10.30 29.98
N ASP C 234 23.82 -10.08 31.28
CA ASP C 234 23.59 -11.17 32.23
C ASP C 234 22.21 -11.04 32.87
N ASP C 235 21.86 -12.03 33.70
CA ASP C 235 20.53 -12.12 34.29
C ASP C 235 20.15 -10.86 35.05
N GLU C 236 21.07 -10.33 35.87
CA GLU C 236 20.72 -9.19 36.70
C GLU C 236 20.58 -7.91 35.88
N SER C 237 21.47 -7.69 34.91
CA SER C 237 21.37 -6.50 34.07
C SER C 237 20.12 -6.55 33.20
N TYR C 238 19.82 -7.71 32.61
CA TYR C 238 18.66 -7.84 31.75
C TYR C 238 17.37 -7.63 32.55
N GLY C 239 17.27 -8.29 33.70
CA GLY C 239 16.08 -8.17 34.52
C GLY C 239 15.83 -6.77 35.06
N GLN C 240 16.91 -6.02 35.31
CA GLN C 240 16.77 -4.66 35.84
C GLN C 240 16.19 -3.68 34.82
N ILE C 241 16.28 -3.98 33.53
CA ILE C 241 15.67 -3.10 32.53
C ILE C 241 14.40 -3.70 31.93
N PHE C 242 14.28 -5.04 31.84
CA PHE C 242 13.08 -5.63 31.25
C PHE C 242 11.82 -5.24 32.04
N LYS C 243 11.82 -5.52 33.35
CA LYS C 243 10.62 -5.27 34.14
C LYS C 243 10.22 -3.80 34.19
N PRO C 244 11.13 -2.84 34.42
CA PRO C 244 10.67 -1.43 34.39
C PRO C 244 10.13 -1.00 33.04
N ILE C 245 10.81 -1.36 31.94
CA ILE C 245 10.36 -0.96 30.61
C ILE C 245 8.98 -1.55 30.31
N ILE C 246 8.82 -2.85 30.54
CA ILE C 246 7.56 -3.51 30.22
C ILE C 246 6.43 -3.01 31.13
N SER C 247 6.73 -2.76 32.41
CA SER C 247 5.72 -2.20 33.29
C SER C 247 5.26 -0.83 32.81
N LYS C 248 6.18 0.00 32.30
CA LYS C 248 5.80 1.30 31.79
C LYS C 248 5.04 1.18 30.48
N VAL C 249 5.42 0.21 29.64
CA VAL C 249 4.69 -0.02 28.40
C VAL C 249 3.25 -0.43 28.69
N MET C 250 3.08 -1.37 29.62
CA MET C 250 1.73 -1.80 30.01
C MET C 250 0.90 -0.62 30.51
N GLU C 251 1.50 0.25 31.32
CA GLU C 251 0.79 1.37 31.90
C GLU C 251 0.35 2.36 30.82
N MET C 252 1.24 2.66 29.87
CA MET C 252 0.97 3.69 28.87
C MET C 252 0.13 3.15 27.71
N TYR C 253 0.40 1.91 27.30
CA TYR C 253 -0.24 1.39 26.09
C TYR C 253 -1.52 0.63 26.38
N GLN C 254 -1.62 -0.01 27.55
CA GLN C 254 -2.80 -0.76 27.96
C GLN C 254 -3.29 -1.73 26.87
N PRO C 255 -2.48 -2.73 26.52
CA PRO C 255 -2.88 -3.66 25.46
C PRO C 255 -3.99 -4.60 25.92
N SER C 256 -4.74 -5.13 24.94
CA SER C 256 -5.77 -6.13 25.20
C SER C 256 -5.25 -7.56 25.08
N ALA C 257 -4.12 -7.77 24.38
CA ALA C 257 -3.49 -9.07 24.22
C ALA C 257 -1.99 -8.86 24.08
N VAL C 258 -1.23 -9.93 24.30
CA VAL C 258 0.23 -9.87 24.30
C VAL C 258 0.80 -11.06 23.54
N VAL C 259 1.81 -10.79 22.71
CA VAL C 259 2.56 -11.81 22.00
C VAL C 259 4.00 -11.72 22.47
N LEU C 260 4.51 -12.82 23.02
CA LEU C 260 5.87 -12.86 23.57
C LEU C 260 6.68 -13.85 22.74
N GLN C 261 7.65 -13.33 22.00
CA GLN C 261 8.60 -14.16 21.25
C GLN C 261 9.73 -14.51 22.20
N CYS C 262 9.97 -15.80 22.44
CA CYS C 262 10.91 -16.25 23.47
C CYS C 262 12.17 -16.86 22.88
N GLY C 263 12.70 -16.27 21.80
CA GLY C 263 13.90 -16.76 21.17
C GLY C 263 14.98 -17.08 22.17
N ALA C 264 15.52 -18.29 22.11
CA ALA C 264 16.45 -18.78 23.11
C ALA C 264 17.90 -18.60 22.70
N ASP C 265 18.17 -17.88 21.62
CA ASP C 265 19.55 -17.59 21.25
C ASP C 265 20.14 -16.45 22.09
N SER C 266 19.37 -15.90 23.02
CA SER C 266 19.89 -14.97 24.00
C SER C 266 20.44 -15.68 25.24
N LEU C 267 20.47 -17.01 25.25
CA LEU C 267 20.99 -17.78 26.37
C LEU C 267 22.52 -17.87 26.33
N SER C 268 23.11 -17.88 27.52
CA SER C 268 24.52 -18.21 27.67
C SER C 268 24.83 -19.52 26.95
N GLY C 269 25.97 -19.53 26.26
CA GLY C 269 26.42 -20.73 25.58
C GLY C 269 25.78 -20.99 24.23
N ASP C 270 25.02 -20.05 23.69
CA ASP C 270 24.38 -20.29 22.40
C ASP C 270 25.43 -20.37 21.31
N ARG C 271 25.24 -21.32 20.38
CA ARG C 271 26.20 -21.50 19.30
C ARG C 271 26.43 -20.22 18.51
N LEU C 272 25.39 -19.40 18.35
CA LEU C 272 25.50 -18.18 17.54
C LEU C 272 25.41 -16.90 18.34
N GLY C 273 24.75 -16.91 19.51
CA GLY C 273 24.52 -15.69 20.25
C GLY C 273 25.70 -15.31 21.16
N CYS C 274 25.63 -14.07 21.67
CA CYS C 274 26.70 -13.52 22.48
C CYS C 274 26.18 -12.91 23.79
N PHE C 275 25.03 -13.37 24.26
CA PHE C 275 24.46 -12.98 25.54
C PHE C 275 24.78 -14.03 26.61
N ASN C 276 24.49 -13.69 27.87
CA ASN C 276 24.90 -14.52 29.00
C ASN C 276 23.75 -14.73 29.97
N LEU C 277 22.54 -14.96 29.44
CA LEU C 277 21.38 -15.24 30.28
C LEU C 277 21.30 -16.72 30.62
N THR C 278 20.77 -17.01 31.81
CA THR C 278 20.43 -18.39 32.16
C THR C 278 18.98 -18.65 31.81
N VAL C 279 18.57 -19.92 31.94
CA VAL C 279 17.18 -20.28 31.74
C VAL C 279 16.28 -19.52 32.71
N LYS C 280 16.72 -19.38 33.96
CA LYS C 280 15.90 -18.65 34.93
C LYS C 280 15.82 -17.17 34.58
N GLY C 281 16.92 -16.60 34.11
CA GLY C 281 16.92 -15.19 33.74
C GLY C 281 16.06 -14.94 32.50
N HIS C 282 16.15 -15.85 31.53
CA HIS C 282 15.27 -15.81 30.37
C HIS C 282 13.80 -15.93 30.79
N ALA C 283 13.49 -16.92 31.64
CA ALA C 283 12.10 -17.20 32.00
C ALA C 283 11.50 -16.16 32.93
N LYS C 284 12.32 -15.37 33.60
CA LYS C 284 11.81 -14.23 34.38
C LYS C 284 10.98 -13.29 33.50
N CYS C 285 11.36 -13.14 32.22
CA CYS C 285 10.56 -12.35 31.30
C CYS C 285 9.15 -12.91 31.17
N VAL C 286 9.02 -14.23 31.02
CA VAL C 286 7.69 -14.83 30.96
C VAL C 286 6.93 -14.56 32.26
N GLU C 287 7.62 -14.65 33.40
CA GLU C 287 6.94 -14.41 34.69
C GLU C 287 6.43 -12.98 34.77
N VAL C 288 7.25 -12.01 34.36
CA VAL C 288 6.84 -10.61 34.41
C VAL C 288 5.61 -10.38 33.55
N VAL C 289 5.63 -10.87 32.32
CA VAL C 289 4.50 -10.65 31.41
C VAL C 289 3.23 -11.28 31.98
N LYS C 290 3.36 -12.45 32.60
CA LYS C 290 2.19 -13.13 33.14
C LYS C 290 1.49 -12.31 34.21
N THR C 291 2.24 -11.51 34.98
CA THR C 291 1.64 -10.78 36.10
C THR C 291 0.57 -9.79 35.64
N PHE C 292 0.51 -9.45 34.35
CA PHE C 292 -0.49 -8.49 33.90
C PHE C 292 -1.82 -9.13 33.51
N ASN C 293 -1.90 -10.46 33.52
CA ASN C 293 -3.18 -11.18 33.35
C ASN C 293 -3.86 -10.84 32.04
N LEU C 294 -3.08 -10.71 30.97
CA LEU C 294 -3.63 -10.45 29.65
C LEU C 294 -3.57 -11.71 28.78
N PRO C 295 -4.52 -11.91 27.87
CA PRO C 295 -4.40 -13.01 26.90
C PRO C 295 -3.02 -13.02 26.27
N LEU C 296 -2.39 -14.18 26.23
CA LEU C 296 -0.96 -14.22 25.93
C LEU C 296 -0.64 -15.36 24.97
N LEU C 297 0.03 -15.02 23.87
CA LEU C 297 0.55 -15.97 22.91
C LEU C 297 2.05 -16.04 23.09
N MET C 298 2.56 -17.22 23.45
CA MET C 298 3.99 -17.41 23.65
C MET C 298 4.56 -18.23 22.50
N LEU C 299 5.60 -17.71 21.87
CA LEU C 299 6.19 -18.29 20.67
C LEU C 299 7.66 -18.59 20.91
N GLY C 300 8.21 -19.48 20.08
CA GLY C 300 9.63 -19.75 20.08
C GLY C 300 10.44 -18.70 19.35
N GLY C 301 11.51 -19.14 18.69
CA GLY C 301 12.40 -18.22 18.00
C GLY C 301 13.76 -18.89 17.79
N GLY C 302 14.80 -18.07 17.84
CA GLY C 302 16.15 -18.56 17.65
C GLY C 302 16.56 -19.52 18.76
N GLY C 303 17.77 -20.08 18.64
CA GLY C 303 18.28 -20.98 19.65
C GLY C 303 19.03 -22.11 19.00
N TYR C 304 20.35 -22.19 19.22
CA TYR C 304 21.23 -23.02 18.41
C TYR C 304 22.08 -23.99 19.22
N THR C 305 22.02 -23.93 20.55
CA THR C 305 22.55 -24.97 21.43
C THR C 305 21.31 -25.71 21.92
N ILE C 306 20.95 -26.80 21.22
CA ILE C 306 19.58 -27.25 21.28
C ILE C 306 19.23 -27.89 22.62
N ARG C 307 20.20 -28.44 23.33
CA ARG C 307 19.91 -28.93 24.69
C ARG C 307 19.44 -27.78 25.58
N ASN C 308 20.02 -26.59 25.42
CA ASN C 308 19.60 -25.44 26.20
C ASN C 308 18.27 -24.88 25.71
N VAL C 309 17.99 -24.97 24.41
CA VAL C 309 16.67 -24.61 23.91
C VAL C 309 15.60 -25.48 24.54
N ALA C 310 15.82 -26.80 24.57
CA ALA C 310 14.85 -27.71 25.17
C ALA C 310 14.61 -27.37 26.64
N ARG C 311 15.68 -27.09 27.38
CA ARG C 311 15.54 -26.73 28.79
C ARG C 311 14.77 -25.43 28.94
N CYS C 312 15.17 -24.40 28.18
CA CYS C 312 14.56 -23.08 28.30
C CYS C 312 13.04 -23.14 28.08
N TRP C 313 12.61 -23.70 26.95
CA TRP C 313 11.18 -23.72 26.64
C TRP C 313 10.42 -24.75 27.48
N THR C 314 11.09 -25.78 28.00
CA THR C 314 10.43 -26.64 28.96
C THR C 314 10.10 -25.87 30.24
N TYR C 315 11.08 -25.14 30.77
CA TYR C 315 10.87 -24.38 31.99
C TYR C 315 9.84 -23.25 31.79
N GLU C 316 9.87 -22.60 30.63
CA GLU C 316 8.90 -21.53 30.39
C GLU C 316 7.49 -22.08 30.20
N THR C 317 7.34 -23.30 29.70
CA THR C 317 6.04 -23.96 29.75
C THR C 317 5.61 -24.19 31.20
N ALA C 318 6.54 -24.63 32.04
CA ALA C 318 6.25 -24.79 33.47
C ALA C 318 5.87 -23.44 34.10
N VAL C 319 6.60 -22.38 33.75
CA VAL C 319 6.23 -21.05 34.25
C VAL C 319 4.82 -20.68 33.83
N ALA C 320 4.46 -20.93 32.57
CA ALA C 320 3.10 -20.63 32.11
C ALA C 320 2.06 -21.38 32.92
N LEU C 321 2.36 -22.61 33.32
CA LEU C 321 1.44 -23.44 34.08
C LEU C 321 1.47 -23.17 35.58
N ASP C 322 2.36 -22.30 36.06
CA ASP C 322 2.58 -22.07 37.49
C ASP C 322 2.95 -23.39 38.18
N CYS C 323 4.01 -24.01 37.68
CA CYS C 323 4.43 -25.35 38.10
CA CYS C 323 4.43 -25.34 38.11
C CYS C 323 5.92 -25.34 38.39
N GLU C 324 6.29 -25.57 39.65
CA GLU C 324 7.68 -25.83 39.95
C GLU C 324 8.02 -27.22 39.42
N ILE C 325 9.14 -27.33 38.72
CA ILE C 325 9.52 -28.65 38.23
C ILE C 325 10.95 -28.91 38.71
N PRO C 326 11.28 -30.16 39.04
CA PRO C 326 12.60 -30.44 39.64
C PRO C 326 13.73 -30.06 38.70
N ASN C 327 14.87 -29.71 39.31
CA ASN C 327 16.07 -29.46 38.55
C ASN C 327 16.66 -30.73 37.98
N GLU C 328 16.32 -31.88 38.54
CA GLU C 328 16.79 -33.15 38.01
C GLU C 328 15.92 -33.51 36.82
N LEU C 329 16.55 -33.69 35.66
CA LEU C 329 15.79 -34.01 34.45
C LEU C 329 15.17 -35.40 34.56
N PRO C 330 13.91 -35.57 34.16
CA PRO C 330 13.34 -36.91 34.07
C PRO C 330 13.94 -37.66 32.90
N TYR C 331 13.75 -38.97 32.90
CA TYR C 331 14.21 -39.73 31.75
C TYR C 331 13.45 -39.27 30.51
N ASN C 332 14.13 -39.28 29.36
CA ASN C 332 13.51 -38.84 28.12
C ASN C 332 14.30 -39.42 26.96
N ASP C 333 13.71 -39.32 25.76
CA ASP C 333 14.31 -39.92 24.57
C ASP C 333 15.62 -39.29 24.14
N TYR C 334 15.99 -38.13 24.71
CA TYR C 334 17.21 -37.43 24.34
C TYR C 334 18.08 -37.19 25.57
N PHE C 335 17.92 -38.06 26.57
CA PHE C 335 18.55 -37.87 27.88
C PHE C 335 20.05 -37.64 27.74
N GLU C 336 20.70 -38.35 26.81
CA GLU C 336 22.15 -38.23 26.69
C GLU C 336 22.58 -36.83 26.27
N TYR C 337 21.71 -36.11 25.54
CA TYR C 337 22.06 -34.77 25.09
C TYR C 337 22.32 -33.81 26.24
N PHE C 338 21.78 -34.11 27.43
CA PHE C 338 21.78 -33.20 28.55
C PHE C 338 22.91 -33.46 29.52
N GLY C 339 23.87 -34.30 29.17
CA GLY C 339 24.99 -34.58 30.03
C GLY C 339 25.98 -33.44 30.03
N PRO C 340 26.94 -33.52 30.96
CA PRO C 340 27.13 -34.56 31.98
C PRO C 340 26.34 -34.30 33.27
N ASP C 341 25.72 -33.12 33.38
CA ASP C 341 25.04 -32.74 34.62
C ASP C 341 23.62 -33.29 34.68
N PHE C 342 22.95 -33.37 33.52
CA PHE C 342 21.57 -33.84 33.44
C PHE C 342 20.63 -33.01 34.32
N LYS C 343 20.92 -31.72 34.44
CA LYS C 343 20.08 -30.77 35.17
C LYS C 343 19.27 -29.91 34.20
N LEU C 344 18.19 -29.34 34.72
CA LEU C 344 17.35 -28.45 33.93
C LEU C 344 17.98 -27.08 33.74
N HIS C 345 18.54 -26.51 34.80
CA HIS C 345 19.03 -25.14 34.73
C HIS C 345 20.51 -25.12 34.38
N ILE C 346 20.96 -23.94 33.92
CA ILE C 346 22.31 -23.81 33.39
C ILE C 346 23.00 -22.65 34.09
N SER C 347 24.32 -22.67 34.03
CA SER C 347 25.14 -21.63 34.62
C SER C 347 25.58 -20.62 33.57
N PRO C 348 25.74 -19.36 33.95
CA PRO C 348 26.35 -18.39 33.05
C PRO C 348 27.82 -18.69 32.84
N SER C 349 28.36 -18.11 31.77
CA SER C 349 29.79 -18.17 31.52
C SER C 349 30.45 -16.96 32.20
N ASN C 350 31.77 -16.86 32.09
CA ASN C 350 32.49 -15.74 32.67
C ASN C 350 32.74 -14.63 31.66
N MET C 351 32.07 -14.67 30.51
CA MET C 351 32.25 -13.64 29.51
C MET C 351 31.96 -12.26 30.11
N THR C 352 32.65 -11.25 29.57
CA THR C 352 32.49 -9.89 30.06
C THR C 352 31.15 -9.30 29.59
N ASN C 353 30.42 -8.69 30.51
CA ASN C 353 29.23 -7.91 30.16
C ASN C 353 29.69 -6.54 29.65
N GLN C 354 29.58 -6.31 28.34
CA GLN C 354 30.01 -5.06 27.73
C GLN C 354 28.99 -3.93 27.88
N ASN C 355 27.84 -4.22 28.47
CA ASN C 355 26.83 -3.20 28.77
C ASN C 355 27.17 -2.54 30.10
N THR C 356 27.81 -1.37 30.06
CA THR C 356 28.14 -0.68 31.30
C THR C 356 26.86 -0.17 31.97
N PRO C 357 26.90 0.09 33.28
CA PRO C 357 25.74 0.73 33.93
C PRO C 357 25.37 2.07 33.30
N GLU C 358 26.37 2.86 32.89
CA GLU C 358 26.08 4.16 32.29
C GLU C 358 25.34 3.98 30.97
N TYR C 359 25.81 3.05 30.15
CA TYR C 359 25.15 2.73 28.88
C TYR C 359 23.70 2.31 29.11
N MET C 360 23.49 1.36 30.02
CA MET C 360 22.14 0.85 30.28
C MET C 360 21.22 1.96 30.78
N GLU C 361 21.74 2.83 31.65
CA GLU C 361 20.90 3.89 32.21
C GLU C 361 20.52 4.91 31.14
N LYS C 362 21.44 5.24 30.24
CA LYS C 362 21.12 6.21 29.20
C LYS C 362 20.06 5.69 28.26
N ILE C 363 20.15 4.41 27.84
CA ILE C 363 19.12 3.84 26.98
C ILE C 363 17.78 3.82 27.69
N LYS C 364 17.74 3.28 28.92
CA LYS C 364 16.49 3.23 29.66
C LYS C 364 15.87 4.62 29.81
N GLN C 365 16.70 5.63 30.08
CA GLN C 365 16.19 6.99 30.21
C GLN C 365 15.52 7.46 28.92
N ARG C 366 16.14 7.19 27.78
CA ARG C 366 15.56 7.63 26.51
C ARG C 366 14.26 6.89 26.21
N LEU C 367 14.21 5.58 26.51
CA LEU C 367 12.98 4.82 26.27
C LEU C 367 11.85 5.34 27.15
N PHE C 368 12.15 5.69 28.39
CA PHE C 368 11.10 6.26 29.24
C PHE C 368 10.66 7.61 28.72
N GLU C 369 11.57 8.39 28.16
CA GLU C 369 11.18 9.64 27.53
C GLU C 369 10.24 9.39 26.36
N ASN C 370 10.50 8.34 25.57
CA ASN C 370 9.64 8.05 24.43
C ASN C 370 8.27 7.53 24.88
N LEU C 371 8.24 6.71 25.94
CA LEU C 371 6.98 6.16 26.40
C LEU C 371 6.07 7.23 27.00
N ARG C 372 6.64 8.33 27.50
CA ARG C 372 5.82 9.44 27.98
C ARG C 372 5.23 10.27 26.84
N MET C 373 5.68 10.09 25.60
CA MET C 373 5.07 10.76 24.47
C MET C 373 3.79 10.07 23.99
N LEU C 374 3.42 8.94 24.57
CA LEU C 374 2.14 8.32 24.26
C LEU C 374 1.01 9.14 24.86
N PRO C 375 -0.17 9.17 24.20
CA PRO C 375 -1.32 9.99 24.62
C PRO C 375 -1.67 9.88 26.11
N1 A1B1V D . 1.50 21.91 -16.07
N3 A1B1V D . 10.21 20.34 -14.03
C4 A1B1V D . 5.67 22.81 -14.79
C5 A1B1V D . 6.73 22.27 -15.50
C6 A1B1V D . 6.50 21.68 -16.73
C7 A1B1V D . 5.22 21.61 -17.25
C8 A1B1V D . 8.11 22.35 -14.94
C10 A1B1V D . 11.34 23.26 -16.03
C13 A1B1V D . 12.38 21.38 -14.26
C15 A1B1V D . 13.57 24.39 -16.24
C17 A1B1V D . 14.12 26.01 -17.96
C20 A1B1V D . 14.61 24.90 -15.47
C1 A1B1V D . 2.20 23.63 -18.04
C11 A1B1V D . 12.69 23.32 -15.69
C12 A1B1V D . 13.19 22.36 -14.80
C14 A1B1V D . 11.01 21.33 -14.59
C16 A1B1V D . 13.32 24.98 -17.47
C18 A1B1V D . 15.15 26.46 -17.17
C19 A1B1V D . 15.42 25.93 -15.94
C2 A1B1V D . 4.17 22.15 -16.53
C3 A1B1V D . 4.38 22.75 -15.29
C9 A1B1V D . 10.50 22.29 -15.48
F1 A1B1V D . 15.95 27.46 -17.64
N2 A1B1V D . 9.13 22.26 -15.83
O1 A1B1V D . 2.49 21.04 -18.22
O2 A1B1V D . 8.30 22.54 -13.74
S1 A1B1V D . 2.53 22.08 -17.20
ZN ZN E . 9.20 20.58 -12.27
CA CA F . 11.45 14.32 -9.58
CA CA G . 19.47 3.76 -16.50
C3' NHE H . 18.47 40.37 -26.90
C2' NHE H . 18.65 39.20 -25.92
C1' NHE H . 18.31 39.64 -24.50
C6' NHE H . 16.88 40.16 -24.44
N NHE H . 18.60 38.60 -23.50
C1 NHE H . 19.39 39.05 -22.35
C2 NHE H . 20.23 40.29 -22.66
S NHE H . 21.80 40.32 -21.85
O1 NHE H . 21.55 40.07 -20.45
O2 NHE H . 22.63 39.34 -22.51
O3 NHE H . 22.32 41.69 -22.05
C5' NHE H . 16.68 41.32 -25.41
C4' NHE H . 17.06 40.93 -26.84
C1 EDO I . 6.69 32.44 -29.51
O1 EDO I . 6.34 31.15 -29.06
C2 EDO I . 5.67 33.48 -29.05
O2 EDO I . 6.18 34.11 -27.87
C1 EDO J . 28.21 38.15 -14.27
O1 EDO J . 28.45 36.74 -14.32
C2 EDO J . 27.80 38.46 -12.86
O2 EDO J . 28.64 37.72 -11.97
C1 EDO K . 33.39 4.97 -5.30
O1 EDO K . 34.59 5.71 -5.53
C2 EDO K . 33.60 3.51 -5.64
O2 EDO K . 32.53 3.06 -6.49
C1 EDO L . 35.87 19.69 -30.72
O1 EDO L . 36.55 18.48 -31.05
C2 EDO L . 35.64 19.77 -29.22
O2 EDO L . 34.74 20.85 -28.93
C1 EDO M . 35.17 4.80 -16.86
O1 EDO M . 36.38 4.22 -16.35
C2 EDO M . 35.36 5.24 -18.30
O2 EDO M . 34.63 4.36 -19.17
C1 EDO N . 27.82 41.33 3.71
O1 EDO N . 27.81 41.49 2.29
C2 EDO N . 28.33 39.94 4.07
O2 EDO N . 29.72 39.82 3.74
C1 EDO O . 38.00 30.67 -2.61
O1 EDO O . 37.13 30.32 -1.53
C2 EDO O . 37.43 31.87 -3.35
O2 EDO O . 37.00 32.83 -2.39
C1 EDO P . 28.79 41.93 -1.73
O1 EDO P . 29.26 42.26 -0.41
C2 EDO P . 27.29 41.66 -1.66
O2 EDO P . 26.68 42.04 -2.91
C1 EDO Q . 6.24 35.17 -5.61
O1 EDO Q . 7.63 35.35 -5.28
C2 EDO Q . 5.97 35.28 -7.10
O2 EDO Q . 6.57 34.18 -7.77
C1 EDO R . -5.75 9.26 1.90
O1 EDO R . -6.89 8.37 1.92
C2 EDO R . -6.14 10.63 2.43
O2 EDO R . -5.30 11.00 3.54
C1 PEG S . 39.15 31.15 -8.02
O1 PEG S . 38.44 30.00 -8.43
C2 PEG S . 39.15 32.19 -9.08
O2 PEG S . 37.88 32.21 -9.71
C3 PEG S . 37.87 32.95 -10.92
C4 PEG S . 36.53 32.86 -11.56
O4 PEG S . 36.62 32.86 -12.98
C1 PEG T . 39.16 16.95 -4.09
O1 PEG T . 39.08 15.77 -4.86
C2 PEG T . 39.24 18.18 -4.94
O2 PEG T . 39.38 19.33 -4.12
C3 PEG T . 40.73 19.65 -3.84
C4 PEG T . 41.32 20.42 -5.00
O4 PEG T . 42.57 19.88 -5.40
C1 PEG U . 7.25 41.80 -4.94
O1 PEG U . 7.19 42.05 -6.33
C2 PEG U . 6.33 40.69 -4.54
O2 PEG U . 5.31 41.21 -3.68
C3 PEG U . 5.46 40.79 -2.33
C4 PEG U . 4.77 39.48 -2.15
O4 PEG U . 5.26 38.80 -1.01
C1 PEG V . 12.84 40.54 -16.93
O1 PEG V . 13.20 41.05 -18.21
C2 PEG V . 13.32 41.43 -15.84
O2 PEG V . 12.98 40.86 -14.58
C3 PEG V . 11.69 41.25 -14.12
C4 PEG V . 11.85 42.07 -12.86
O4 PEG V . 13.12 42.69 -12.82
C1 EDO W . 43.04 13.62 -12.25
O1 EDO W . 44.18 14.25 -12.85
C2 EDO W . 41.78 13.94 -13.04
O2 EDO W . 41.83 13.30 -14.33
C1 PGE X . 28.32 -3.44 -8.00
O1 PGE X . 29.61 -2.88 -8.27
C2 PGE X . 27.28 -2.51 -8.56
O2 PGE X . 27.23 -2.60 -9.98
C3 PGE X . 26.01 -2.12 -10.51
C4 PGE X . 25.94 -2.46 -11.99
O4 PGE X . 28.96 -0.71 -15.18
C6 PGE X . 28.86 -1.31 -13.89
C5 PGE X . 27.38 -1.58 -13.64
O3 PGE X . 27.25 -2.44 -12.53
N1 A1B1V Y . -30.96 4.46 5.52
N3 A1B1V Y . -29.64 -0.14 -2.16
C4 A1B1V Y . -30.78 3.56 0.61
C5 A1B1V Y . -29.50 3.01 0.66
C6 A1B1V Y . -28.73 3.18 1.81
C7 A1B1V Y . -29.25 3.85 2.90
C8 A1B1V Y . -28.92 2.29 -0.51
C10 A1B1V Y . -28.44 2.86 -3.95
C13 A1B1V Y . -28.71 0.11 -4.37
C15 A1B1V Y . -27.46 3.17 -6.23
C17 A1B1V Y . -27.25 5.32 -7.33
C20 A1B1V Y . -26.47 2.67 -7.08
C1 A1B1V Y . -30.25 6.81 4.35
C11 A1B1V Y . -28.04 2.30 -5.16
C12 A1B1V Y . -28.19 0.93 -5.36
C14 A1B1V Y . -29.10 0.67 -3.14
C16 A1B1V Y . -27.83 4.51 -6.36
C18 A1B1V Y . -26.31 4.78 -8.15
C19 A1B1V Y . -25.90 3.48 -8.05
C2 A1B1V Y . -30.53 4.38 2.84
C3 A1B1V Y . -31.30 4.25 1.70
C9 A1B1V Y . -28.97 2.05 -2.95
F1 A1B1V Y . -25.75 5.56 -9.12
N2 A1B1V Y . -29.40 2.61 -1.72
O1 A1B1V Y . -32.53 5.65 3.98
O2 A1B1V Y . -28.00 1.49 -0.35
S1 A1B1V Y . -31.16 5.27 4.23
ZN ZN Z . -28.37 -1.07 -0.68
CA CA AA . -31.07 -7.65 -1.65
CA CA BA . -42.73 -11.66 -10.26
C3' NHE CA . -21.80 12.05 -21.27
C2' NHE CA . -20.52 11.42 -20.72
C1' NHE CA . -19.40 11.50 -21.75
C6' NHE CA . -19.19 12.94 -22.20
N NHE CA . -18.18 11.00 -21.08
C1 NHE CA . -17.11 10.58 -22.00
C2 NHE CA . -15.92 10.27 -21.10
S NHE CA . -14.39 10.12 -21.97
O1 NHE CA . -14.12 11.39 -22.60
O2 NHE CA . -13.39 9.73 -21.00
O3 NHE CA . -14.59 9.04 -22.96
C5' NHE CA . -20.47 13.56 -22.73
C4' NHE CA . -21.57 13.48 -21.69
C1 PEG DA . -9.94 -9.76 -26.17
O1 PEG DA . -11.25 -9.95 -25.65
C2 PEG DA . -9.35 -8.46 -25.71
O2 PEG DA . -10.33 -7.44 -25.81
C3 PEG DA . -9.98 -6.42 -26.74
C4 PEG DA . -11.20 -6.03 -27.51
O4 PEG DA . -11.26 -4.63 -27.72
C1 EDO EA . -34.78 -18.67 -24.97
O1 EDO EA . -34.37 -17.52 -25.72
C2 EDO EA . -33.59 -19.60 -24.89
O2 EDO EA . -32.41 -18.82 -25.17
C1 EDO FA . -12.22 -15.75 6.86
O1 EDO FA . -12.80 -15.69 5.56
C2 EDO FA . -10.73 -15.48 6.71
O2 EDO FA . -10.58 -14.23 6.03
C1 EDO GA . -3.60 0.39 -18.03
O1 EDO GA . -4.14 1.33 -17.10
C2 EDO GA . -2.62 -0.51 -17.28
O2 EDO GA . -1.77 0.31 -16.47
C1 EDO HA . -18.26 -7.53 20.05
O1 EDO HA . -19.39 -8.40 20.21
C2 EDO HA . -18.69 -6.26 19.34
O2 EDO HA . -17.64 -5.30 19.40
C1 PEG IA . -26.82 14.22 2.69
O1 PEG IA . -25.80 15.06 3.22
C2 PEG IA . -27.00 12.98 3.51
O2 PEG IA . -27.95 12.13 2.89
C3 PEG IA . -28.56 11.23 3.81
C4 PEG IA . -27.88 9.89 3.76
O4 PEG IA . -27.26 9.57 5.00
C1 EDO JA . -14.29 5.57 -21.93
O1 EDO JA . -15.09 6.59 -21.31
C2 EDO JA . -14.14 4.34 -21.03
O2 EDO JA . -14.81 3.20 -21.58
C1 EDO KA . -23.01 -18.46 -20.30
O1 EDO KA . -23.54 -17.31 -19.63
C2 EDO KA . -24.02 -19.06 -21.28
O2 EDO KA . -24.54 -18.03 -22.14
C1 PEG LA . -8.37 1.74 6.73
O1 PEG LA . -8.51 1.72 8.15
C2 PEG LA . -8.10 3.12 6.22
O2 PEG LA . -8.10 3.10 4.78
C3 PEG LA . -7.11 3.95 4.22
C4 PEG LA . -7.54 5.37 4.28
O4 PEG LA . -6.80 6.18 3.39
C1 PEG MA . -44.61 -8.19 -18.50
O1 PEG MA . -44.27 -7.20 -19.46
C2 PEG MA . -45.22 -7.58 -17.28
O2 PEG MA . -44.48 -6.42 -16.90
C3 PEG MA . -45.30 -5.43 -16.27
C4 PEG MA . -44.44 -4.33 -15.74
O4 PEG MA . -44.40 -3.21 -16.61
C1 PEG NA . -41.33 -23.61 -15.90
O1 PEG NA . -41.91 -24.13 -17.09
C2 PEG NA . -42.38 -23.23 -14.90
O2 PEG NA . -42.53 -21.81 -14.87
C3 PEG NA . -43.38 -21.31 -15.90
C4 PEG NA . -43.99 -20.01 -15.46
O4 PEG NA . -44.03 -19.05 -16.52
O1 PG4 OA . -9.60 -17.34 2.80
C1 PG4 OA . -9.46 -15.97 3.14
C2 PG4 OA . -8.05 -15.48 2.97
O2 PG4 OA . -7.86 -14.99 1.65
C3 PG4 OA . -6.52 -14.61 1.38
C4 PG4 OA . -6.35 -14.33 -0.08
O3 PG4 OA . -7.01 -15.32 -0.85
C5 PG4 OA . -6.42 -15.34 -2.14
C6 PG4 OA . -7.41 -15.84 -3.15
O4 PG4 OA . -7.84 -17.15 -2.82
C7 PG4 OA . -9.12 -17.33 -3.43
C8 PG4 OA . -9.58 -18.75 -3.25
O5 PG4 OA . -9.75 -19.03 -1.88
O1 PG4 PA . -21.08 20.49 -15.23
C1 PG4 PA . -21.05 20.47 -13.81
C2 PG4 PA . -20.33 19.27 -13.29
O2 PG4 PA . -20.79 18.10 -13.95
C3 PG4 PA . -20.03 16.95 -13.61
C4 PG4 PA . -20.33 15.85 -14.58
O3 PG4 PA . -19.36 15.79 -15.61
C5 PG4 PA . -19.99 15.21 -16.73
C6 PG4 PA . -19.24 15.44 -17.99
O4 PG4 PA . -19.49 16.76 -18.46
C7 PG4 PA . -19.57 16.71 -19.89
C8 PG4 PA . -19.57 18.11 -20.43
O5 PG4 PA . -20.19 18.98 -19.50
N1 A1B1V QA . 24.75 -14.44 11.82
N3 A1B1V QA . 16.30 -14.70 15.10
C4 A1B1V QA . 19.74 -15.12 11.89
C5 A1B1V QA . 19.80 -15.84 13.08
C6 A1B1V QA . 21.05 -16.20 13.57
C7 A1B1V QA . 22.21 -15.86 12.90
C8 A1B1V QA . 18.57 -16.24 13.82
C10 A1B1V QA . 15.42 -17.75 13.22
C13 A1B1V QA . 14.36 -16.10 15.20
C15 A1B1V QA . 13.44 -19.25 13.31
C17 A1B1V QA . 12.94 -20.86 11.57
C20 A1B1V QA . 12.63 -19.98 14.19
C1 A1B1V QA . 24.04 -16.07 9.80
C11 A1B1V QA . 14.17 -18.05 13.78
C12 A1B1V QA . 13.65 -17.21 14.77
C14 A1B1V QA . 15.62 -15.80 14.66
C16 A1B1V QA . 13.60 -19.72 12.01
C18 A1B1V QA . 12.15 -21.53 12.46
C19 A1B1V QA . 11.97 -21.12 13.76
C2 A1B1V QA . 22.11 -15.13 11.72
C3 A1B1V QA . 20.88 -14.75 11.21
C9 A1B1V QA . 16.15 -16.64 13.66
F1 A1B1V QA . 11.49 -22.64 12.04
N2 A1B1V QA . 17.42 -16.36 13.10
O1 A1B1V QA . 23.33 -13.56 9.97
O2 A1B1V QA . 18.60 -16.50 15.03
S1 A1B1V QA . 23.60 -14.70 10.84
ZN ZN RA . 17.67 -14.84 16.80
CA CA SA . 14.80 -9.31 20.26
CA CA TA . 3.65 -0.07 15.79
C1 EDO UA . 20.64 -16.69 -3.48
O1 EDO UA . 20.71 -16.33 -4.86
C2 EDO UA . 19.98 -15.57 -2.66
O2 EDO UA . 20.84 -14.42 -2.59
C1 EDO VA . -11.39 -4.63 18.10
O1 EDO VA . -12.57 -4.84 18.88
C2 EDO VA . -11.74 -4.42 16.64
O2 EDO VA . -11.12 -3.22 16.13
C1 EDO WA . -2.06 -14.16 31.40
O1 EDO WA . -1.34 -14.73 32.50
C2 EDO WA . -3.36 -14.89 31.13
O2 EDO WA . -4.36 -14.51 32.10
C1 EDO XA . -7.11 -31.49 23.28
O1 EDO XA . -8.06 -31.38 24.35
C2 EDO XA . -7.50 -32.66 22.40
O2 EDO XA . -7.84 -32.21 21.08
C1 EDO YA . -4.32 3.36 19.86
O1 EDO YA . -4.02 4.15 21.02
C2 EDO YA . -5.72 2.78 19.99
O2 EDO YA . -6.06 2.13 18.75
C1 PGE ZA . -0.39 -5.04 7.62
O1 PGE ZA . -1.69 -5.40 7.19
C2 PGE ZA . -0.50 -3.74 8.38
O2 PGE ZA . -1.33 -3.92 9.52
C3 PGE ZA . -1.46 -2.71 10.24
C4 PGE ZA . -2.53 -2.90 11.29
O4 PGE ZA . -6.61 -1.96 10.51
C6 PGE ZA . -6.16 -3.27 10.85
C5 PGE ZA . -4.84 -3.15 11.59
O3 PGE ZA . -3.77 -3.16 10.66
#